data_3FPS
#
_entry.id   3FPS
#
_cell.length_a   62.340
_cell.length_b   96.500
_cell.length_c   155.130
_cell.angle_alpha   90.00
_cell.angle_beta   94.84
_cell.angle_gamma   90.00
#
_symmetry.space_group_name_H-M   'P 1 21 1'
#
loop_
_entity.id
_entity.type
_entity.pdbx_description
1 polymer 'Sarcoplasmic/endoplasmic reticulum calcium ATPase 1'
2 non-polymer 'MAGNESIUM ION'
3 non-polymer "(6AR,11AS,11BR)-10-ACETYL-9-HYDROXY-7,7-DIMETHYL-2,6,6A,7,11A,11B-HEXAHYDRO-11H-PYRROLO[1',2':2,3]ISOINDOLO[4,5,6-CD]INDOL-11-ONE"
4 non-polymer "ADENOSINE-5'-DIPHOSPHATE"
5 water water
#
_entity_poly.entity_id   1
_entity_poly.type   'polypeptide(L)'
_entity_poly.pdbx_seq_one_letter_code
;MEAAHSKSTEECLAYFGVSETTGLTPDQVKRHLEKYGHNELPAEEGKSLWELVIEQFEDLLVRILLLAACISFVLAWFEE
GEETITAFVEPFVILLILIANAIVGVWQERNAENAIEALKEYEPEMGKVYRADRKSVQRIKARDIVPGDIVEVAVGDKVP
ADIRILSIKSTTLRVDQSILTGESVSVIKHTEPVPDPRAVNQDKKNMLFSGTNIAAGKALGIVATTGVSTEIGKIRDQMA
ATEQDKTPLQQKLDEFGEQLSKVISLICVAVWLINIGHFNDPVHGGSWIRGAIYYFKIAVALAVAAIPEGLPAVITTCLA
LGTRRMAKKNAIVRSLPSVETLGCTSVICSDKTGTLTTNQMSVCKMFIIDKVDGDFCSLNEFSITGSTYAPEGEVLKNDK
PIRSGQFDGLVELATICALCNDSSLDFNETKGVYEKVGEATETALTTLVEKMNVFNTEVRNLSKVERANACNSVIRQLMK
KEFTLEFSRDRKSMSVYCSPAKSSRAAVGNKMFVKGAPEGVIDRCNYVRVGTTRVPMTGPVKEKILSVIKEWGTGRDTLR
CLALATRDTPPKREEMVLDDSSRFMEYETDLTFVGVVGMLDPPRKEVMGSIQLCRDAGIRVIMITGDNKGTAIAICRRIG
IFGENEEVADRAYTGREFDDLPLAEQREACRRACCFARVEPSHKSKIVEYLQSYDEITAMTGDGVNDAPALKKAEIGIAM
GSGTAVAKTASEMVLADDNFSTIVAAVEEGRAIYNNMKQFIRYLISSNVGEVVCIFLTAALGLPEALIPVQLLWVNLVTD
GLPATALGFNPPDLDIMDRPPRSPKEPLISGWLFFRYMAIGGYVGAATVGAAAWWFMYAEDGPGVTYHQLTHFMQCTEDH
PHFEGLDCEIFEAPEPMTMALSVLVTIEMCNALNSLSENQSLMRMPPWVNIWLLGSICLSMSLHFLILYVDPLPMIFKLK
ALDLTQWLMVLKISLPVIGLDEILKFIARNYLEG
;
_entity_poly.pdbx_strand_id   A
#
loop_
_chem_comp.id
_chem_comp.type
_chem_comp.name
_chem_comp.formula
ADP non-polymer ADENOSINE-5'-DIPHOSPHATE 'C10 H15 N5 O10 P2'
CZA non-polymer (6AR,11AS,11BR)-10-ACETYL-9-HYDROXY-7,7-DIMETHYL-2,6,6A,7,11A,11B-HEXAHYDRO-11H-PYRROLO[1',2':2,3]ISOINDOLO[4,5,6-CD]INDOL-11-ONE 'C20 H20 N2 O3'
MG non-polymer 'MAGNESIUM ION' 'Mg 2'
#
# COMPACT_ATOMS: atom_id res chain seq x y z
N MET A 1 30.64 1.97 18.17
CA MET A 1 30.36 1.17 19.40
C MET A 1 28.97 0.53 19.47
N GLU A 2 28.91 -0.80 19.41
CA GLU A 2 27.62 -1.40 19.15
C GLU A 2 26.66 -1.65 20.31
N ALA A 3 27.09 -2.36 21.34
CA ALA A 3 26.13 -2.60 22.44
C ALA A 3 26.27 -1.59 23.57
N ALA A 4 26.12 -0.31 23.26
CA ALA A 4 26.41 0.74 24.24
C ALA A 4 25.43 0.73 25.42
N HIS A 5 24.17 0.51 25.08
CA HIS A 5 23.13 0.53 26.09
C HIS A 5 23.47 -0.39 27.23
N SER A 6 24.35 -1.33 26.95
CA SER A 6 24.58 -2.43 27.85
C SER A 6 25.89 -2.26 28.61
N LYS A 7 26.61 -1.21 28.28
CA LYS A 7 27.84 -0.92 28.99
C LYS A 7 27.60 0.15 30.06
N SER A 8 28.36 0.12 31.14
CA SER A 8 28.29 1.23 32.11
C SER A 8 28.65 2.56 31.48
N THR A 9 28.33 3.63 32.19
CA THR A 9 28.66 4.96 31.73
C THR A 9 30.18 5.11 31.57
N GLU A 10 30.95 4.55 32.49
CA GLU A 10 32.40 4.65 32.38
C GLU A 10 32.95 3.77 31.29
N GLU A 11 32.41 2.57 31.17
CA GLU A 11 32.86 1.65 30.14
C GLU A 11 32.82 2.33 28.76
N CYS A 12 31.84 3.22 28.56
CA CYS A 12 31.66 3.87 27.27
C CYS A 12 32.67 4.96 27.01
N LEU A 13 33.12 5.63 28.07
CA LEU A 13 34.15 6.64 27.95
C LEU A 13 35.50 5.95 27.75
N ALA A 14 35.70 4.89 28.53
CA ALA A 14 36.90 4.09 28.44
C ALA A 14 37.04 3.46 27.06
N TYR A 15 35.95 3.39 26.32
CA TYR A 15 35.97 2.74 25.01
C TYR A 15 36.47 3.68 23.94
N PHE A 16 36.16 4.97 24.07
CA PHE A 16 36.63 5.96 23.14
C PHE A 16 37.83 6.75 23.71
N GLY A 17 38.24 6.40 24.93
CA GLY A 17 39.30 7.14 25.60
C GLY A 17 39.00 8.61 25.54
N VAL A 18 37.91 9.00 26.16
CA VAL A 18 37.48 10.38 26.14
C VAL A 18 37.04 10.80 27.53
N SER A 19 37.21 12.10 27.81
CA SER A 19 36.90 12.65 29.12
C SER A 19 35.58 13.37 29.06
N GLU A 20 34.65 12.98 29.92
CA GLU A 20 33.31 13.53 29.88
C GLU A 20 33.38 15.04 30.04
N THR A 21 34.37 15.47 30.80
CA THR A 21 34.58 16.87 31.09
C THR A 21 35.13 17.58 29.85
N THR A 22 36.25 17.09 29.33
CA THR A 22 36.96 17.74 28.23
C THR A 22 36.34 17.46 26.85
N GLY A 23 36.27 16.19 26.49
CA GLY A 23 35.72 15.80 25.20
C GLY A 23 36.81 15.30 24.26
N LEU A 24 36.44 15.11 22.99
CA LEU A 24 37.35 14.58 21.98
C LEU A 24 38.43 15.60 21.60
N THR A 25 39.68 15.15 21.60
CA THR A 25 40.77 15.98 21.12
C THR A 25 40.59 16.15 19.61
N PRO A 26 40.87 17.36 19.09
CA PRO A 26 40.84 17.63 17.65
C PRO A 26 41.70 16.65 16.84
N ASP A 27 42.51 15.84 17.51
CA ASP A 27 43.19 14.75 16.82
C ASP A 27 42.22 13.60 16.55
N GLN A 28 41.55 13.19 17.63
CA GLN A 28 40.64 12.06 17.61
C GLN A 28 39.53 12.30 16.60
N VAL A 29 39.05 13.53 16.53
CA VAL A 29 38.07 13.89 15.53
C VAL A 29 38.56 13.62 14.13
N LYS A 30 39.88 13.68 13.92
CA LYS A 30 40.45 13.28 12.64
C LYS A 30 40.45 11.76 12.41
N ARG A 31 41.17 11.02 13.26
CA ARG A 31 41.35 9.59 13.04
C ARG A 31 39.97 8.99 12.98
N HIS A 32 39.14 9.46 13.86
CA HIS A 32 37.83 8.87 13.87
C HIS A 32 37.23 9.11 12.51
N LEU A 33 36.74 10.32 12.32
CA LEU A 33 36.10 10.62 11.06
C LEU A 33 36.65 9.75 9.90
N GLU A 34 37.90 9.29 10.00
CA GLU A 34 38.44 8.33 9.00
C GLU A 34 37.92 6.91 9.20
N LYS A 35 37.87 6.46 10.45
CA LYS A 35 37.38 5.11 10.80
C LYS A 35 35.91 4.97 10.52
N TYR A 36 35.14 6.01 10.84
CA TYR A 36 33.68 5.87 10.81
C TYR A 36 33.00 6.63 9.68
N GLY A 37 33.67 7.56 9.05
CA GLY A 37 32.99 8.39 8.05
C GLY A 37 32.07 9.42 8.68
N HIS A 38 31.29 10.08 7.83
CA HIS A 38 30.49 11.23 8.26
C HIS A 38 29.11 10.82 8.82
N ASN A 39 28.53 11.70 9.62
CA ASN A 39 27.25 11.40 10.22
C ASN A 39 26.11 11.77 9.28
N GLU A 40 26.03 11.09 8.16
CA GLU A 40 25.02 11.40 7.15
C GLU A 40 24.54 10.12 6.46
N LEU A 41 23.39 10.20 5.81
CA LEU A 41 22.95 9.06 5.02
C LEU A 41 23.50 9.22 3.62
N PRO A 42 23.80 8.12 2.95
CA PRO A 42 24.39 8.23 1.64
C PRO A 42 23.55 9.12 0.73
N ALA A 43 24.21 9.86 -0.14
CA ALA A 43 23.53 10.78 -1.05
C ALA A 43 22.66 10.02 -2.04
N GLU A 44 21.54 10.63 -2.43
CA GLU A 44 20.64 10.05 -3.42
C GLU A 44 21.41 9.49 -4.61
N GLU A 45 20.92 8.38 -5.16
CA GLU A 45 21.53 7.78 -6.35
C GLU A 45 21.35 8.61 -7.65
N GLY A 46 20.30 9.45 -7.67
CA GLY A 46 20.03 10.32 -8.82
C GLY A 46 18.90 9.84 -9.73
N LYS A 47 18.27 10.79 -10.45
CA LYS A 47 17.40 10.47 -11.59
C LYS A 47 17.52 11.56 -12.65
N SER A 48 16.56 11.63 -13.57
CA SER A 48 16.43 12.78 -14.47
C SER A 48 15.55 12.50 -15.68
N LEU A 49 14.59 13.38 -15.94
CA LEU A 49 13.57 13.11 -16.97
C LEU A 49 14.12 13.05 -18.39
N TRP A 50 15.44 13.19 -18.54
CA TRP A 50 16.07 12.99 -19.84
C TRP A 50 16.60 11.57 -20.05
N GLU A 51 17.26 11.02 -19.03
CA GLU A 51 17.69 9.64 -19.07
C GLU A 51 16.52 8.70 -18.80
N LEU A 52 15.44 9.27 -18.29
CA LEU A 52 14.23 8.52 -18.04
C LEU A 52 13.54 8.27 -19.37
N VAL A 53 13.59 9.26 -20.25
CA VAL A 53 13.02 9.11 -21.58
C VAL A 53 13.88 8.20 -22.45
N ILE A 54 15.19 8.32 -22.29
CA ILE A 54 16.13 7.48 -23.03
C ILE A 54 16.00 6.02 -22.60
N GLU A 55 15.58 5.79 -21.36
CA GLU A 55 15.40 4.43 -20.83
C GLU A 55 14.17 3.76 -21.43
N GLN A 56 13.19 4.57 -21.85
CA GLN A 56 11.93 4.05 -22.39
C GLN A 56 12.09 3.60 -23.83
N PHE A 57 13.05 4.21 -24.52
CA PHE A 57 13.29 3.90 -25.94
C PHE A 57 14.12 2.64 -26.12
N GLU A 58 14.77 2.17 -25.06
CA GLU A 58 15.57 0.95 -25.14
C GLU A 58 14.70 -0.30 -25.22
N ASP A 59 13.40 -0.12 -25.02
CA ASP A 59 12.45 -1.22 -25.06
C ASP A 59 12.37 -1.82 -26.45
N LEU A 60 12.05 -3.12 -26.55
CA LEU A 60 12.06 -3.83 -27.85
C LEU A 60 11.10 -3.26 -28.89
N LEU A 61 9.83 -3.11 -28.52
CA LEU A 61 8.82 -2.58 -29.43
C LEU A 61 9.08 -1.14 -29.82
N VAL A 62 9.50 -0.32 -28.85
CA VAL A 62 9.80 1.08 -29.14
C VAL A 62 11.11 1.18 -29.91
N ARG A 63 11.80 0.05 -30.03
CA ARG A 63 12.95 -0.05 -30.91
C ARG A 63 12.47 -0.33 -32.33
N ILE A 64 11.36 -1.07 -32.43
CA ILE A 64 10.81 -1.46 -33.73
C ILE A 64 10.10 -0.30 -34.43
N LEU A 65 9.20 0.37 -33.71
CA LEU A 65 8.49 1.51 -34.27
C LEU A 65 9.44 2.64 -34.63
N LEU A 66 10.62 2.65 -34.02
CA LEU A 66 11.64 3.62 -34.35
C LEU A 66 12.46 3.16 -35.55
N LEU A 67 12.55 1.84 -35.74
CA LEU A 67 13.15 1.29 -36.94
C LEU A 67 12.26 1.53 -38.15
N ALA A 68 10.95 1.38 -37.95
CA ALA A 68 9.98 1.66 -39.00
C ALA A 68 9.98 3.14 -39.35
N ALA A 69 10.36 3.98 -38.41
CA ALA A 69 10.50 5.40 -38.67
C ALA A 69 11.77 5.70 -39.48
N CYS A 70 12.79 4.85 -39.32
CA CYS A 70 14.05 4.96 -40.07
C CYS A 70 13.79 4.56 -41.51
N ILE A 71 13.00 3.50 -41.68
CA ILE A 71 12.67 2.99 -43.01
C ILE A 71 11.67 3.90 -43.70
N SER A 72 10.72 4.44 -42.95
CA SER A 72 9.77 5.39 -43.49
C SER A 72 10.51 6.57 -44.13
N PHE A 73 11.75 6.79 -43.70
CA PHE A 73 12.57 7.87 -44.26
C PHE A 73 13.37 7.45 -45.48
N VAL A 74 13.99 6.27 -45.40
CA VAL A 74 14.79 5.73 -46.50
C VAL A 74 13.90 5.21 -47.63
N LEU A 75 12.60 5.48 -47.53
CA LEU A 75 11.67 5.09 -48.58
C LEU A 75 11.37 6.21 -49.56
N ALA A 76 11.19 7.42 -49.05
CA ALA A 76 10.84 8.55 -49.91
C ALA A 76 11.94 8.97 -50.88
N TRP A 77 12.81 9.88 -50.44
CA TRP A 77 13.94 10.32 -51.27
C TRP A 77 15.08 10.99 -50.48
N PHE A 78 15.70 12.01 -51.08
CA PHE A 78 17.00 12.54 -50.62
C PHE A 78 16.87 13.89 -49.90
N GLU A 79 17.66 14.88 -50.33
CA GLU A 79 17.56 16.25 -49.78
C GLU A 79 16.98 17.30 -50.76
N GLU A 80 16.88 18.55 -50.31
CA GLU A 80 15.86 19.52 -50.76
C GLU A 80 15.75 19.80 -52.27
N GLY A 81 14.57 20.27 -52.70
CA GLY A 81 14.29 20.63 -54.10
C GLY A 81 13.23 21.70 -54.23
N GLU A 82 12.00 21.30 -54.55
CA GLU A 82 10.84 22.20 -54.49
C GLU A 82 9.69 21.62 -53.67
N GLU A 83 8.45 21.68 -54.16
CA GLU A 83 7.30 21.16 -53.40
C GLU A 83 6.37 20.19 -54.13
N THR A 84 6.17 19.02 -53.52
CA THR A 84 4.91 18.28 -53.62
C THR A 84 4.30 18.22 -52.21
N ILE A 85 4.29 19.38 -51.57
CA ILE A 85 3.88 19.61 -50.17
C ILE A 85 3.45 18.40 -49.30
N THR A 86 2.41 17.70 -49.76
CA THR A 86 1.71 16.61 -49.04
C THR A 86 2.50 15.57 -48.19
N ALA A 87 3.73 15.25 -48.57
CA ALA A 87 4.29 13.89 -48.44
C ALA A 87 4.64 13.41 -47.04
N PHE A 88 5.71 13.95 -46.46
CA PHE A 88 6.39 13.31 -45.33
C PHE A 88 5.62 13.31 -44.00
N VAL A 89 4.60 12.45 -43.91
CA VAL A 89 3.76 12.32 -42.72
C VAL A 89 4.07 11.01 -42.01
N GLU A 90 4.10 9.92 -42.77
CA GLU A 90 4.30 8.59 -42.23
C GLU A 90 5.52 8.43 -41.32
N PRO A 91 6.62 9.16 -41.61
CA PRO A 91 7.73 9.10 -40.66
C PRO A 91 7.61 10.14 -39.54
N PHE A 92 6.86 11.21 -39.78
CA PHE A 92 6.72 12.27 -38.79
C PHE A 92 5.60 12.03 -37.79
N VAL A 93 4.64 11.18 -38.15
CA VAL A 93 3.55 10.89 -37.24
C VAL A 93 3.97 9.90 -36.17
N ILE A 94 4.78 8.91 -36.57
CA ILE A 94 5.31 7.94 -35.64
C ILE A 94 6.27 8.59 -34.64
N LEU A 95 7.19 9.40 -35.16
CA LEU A 95 8.15 10.09 -34.32
C LEU A 95 7.48 11.09 -33.38
N LEU A 96 6.35 11.63 -33.80
CA LEU A 96 5.51 12.44 -32.91
C LEU A 96 4.98 11.55 -31.79
N ILE A 97 4.37 10.44 -32.18
CA ILE A 97 3.73 9.52 -31.24
C ILE A 97 4.70 8.96 -30.21
N LEU A 98 5.86 8.51 -30.65
CA LEU A 98 6.84 7.93 -29.74
C LEU A 98 7.23 8.91 -28.64
N ILE A 99 7.56 10.14 -29.02
CA ILE A 99 7.88 11.17 -28.03
C ILE A 99 6.69 11.38 -27.10
N ALA A 100 5.49 11.41 -27.67
CA ALA A 100 4.27 11.57 -26.89
C ALA A 100 3.85 10.27 -26.20
N ASN A 101 4.59 9.20 -26.40
CA ASN A 101 4.36 7.99 -25.61
C ASN A 101 5.41 7.78 -24.53
N ALA A 102 6.66 8.13 -24.83
CA ALA A 102 7.72 8.10 -23.82
C ALA A 102 7.33 9.04 -22.71
N ILE A 103 6.98 10.27 -23.08
CA ILE A 103 6.52 11.27 -22.13
C ILE A 103 5.39 10.77 -21.22
N VAL A 104 4.52 9.92 -21.74
CA VAL A 104 3.37 9.47 -20.98
C VAL A 104 3.75 8.39 -19.99
N GLY A 105 4.96 7.85 -20.14
CA GLY A 105 5.51 6.91 -19.17
C GLY A 105 6.26 7.59 -18.05
N VAL A 106 5.98 8.87 -17.85
CA VAL A 106 6.75 9.69 -16.91
C VAL A 106 5.90 10.68 -16.11
N TRP A 107 5.52 11.81 -16.70
CA TRP A 107 4.88 12.90 -15.93
C TRP A 107 3.38 12.68 -15.62
N GLN A 108 2.86 11.51 -15.96
CA GLN A 108 1.71 10.95 -15.26
C GLN A 108 1.93 9.46 -15.01
N GLU A 109 3.21 9.09 -15.03
CA GLU A 109 3.67 7.83 -14.43
C GLU A 109 4.61 8.07 -13.25
N ARG A 110 4.11 8.79 -12.24
CA ARG A 110 4.91 9.24 -11.10
C ARG A 110 5.97 8.24 -10.65
N ASN A 111 7.23 8.65 -10.68
CA ASN A 111 8.34 7.78 -10.27
C ASN A 111 9.30 8.44 -9.26
N ALA A 112 8.75 9.28 -8.38
CA ALA A 112 9.51 10.39 -7.80
C ALA A 112 10.10 10.09 -6.41
N GLU A 113 9.49 10.65 -5.36
CA GLU A 113 9.99 10.50 -3.99
C GLU A 113 9.90 9.07 -3.45
N ASN A 114 10.91 8.66 -2.70
CA ASN A 114 10.90 7.35 -2.07
C ASN A 114 11.05 7.51 -0.56
N ALA A 115 10.54 6.56 0.20
CA ALA A 115 10.65 6.63 1.65
C ALA A 115 12.10 6.71 2.14
N ILE A 116 13.04 6.37 1.26
CA ILE A 116 14.46 6.45 1.56
C ILE A 116 14.95 7.89 1.46
N GLU A 117 14.33 8.65 0.56
CA GLU A 117 14.68 10.04 0.41
C GLU A 117 14.00 10.88 1.49
N ALA A 118 12.90 10.37 2.04
CA ALA A 118 12.22 11.04 3.14
C ALA A 118 13.09 11.04 4.39
N LEU A 119 13.92 9.99 4.53
CA LEU A 119 14.75 9.81 5.71
C LEU A 119 15.89 10.81 5.74
N LYS A 120 15.81 11.81 4.86
CA LYS A 120 16.72 12.95 4.93
C LYS A 120 15.95 14.21 5.29
N GLU A 121 15.01 14.05 6.21
CA GLU A 121 14.20 15.14 6.70
C GLU A 121 14.14 15.02 8.20
N TYR A 122 14.58 13.87 8.69
CA TYR A 122 14.66 13.66 10.13
C TYR A 122 16.10 13.44 10.55
N GLU A 123 17.02 13.64 9.61
CA GLU A 123 18.42 13.86 9.96
C GLU A 123 18.70 15.35 10.02
N PRO A 124 19.22 15.81 11.17
CA PRO A 124 19.25 17.23 11.49
C PRO A 124 20.43 17.91 10.83
N GLU A 125 20.47 19.22 10.93
CA GLU A 125 21.59 19.96 10.40
C GLU A 125 22.63 20.19 11.48
N MET A 126 22.18 20.64 12.64
CA MET A 126 23.10 21.13 13.65
C MET A 126 23.07 20.30 14.92
N GLY A 127 24.24 20.09 15.52
CA GLY A 127 24.34 19.42 16.81
C GLY A 127 25.39 20.05 17.69
N LYS A 128 25.29 19.84 19.00
CA LYS A 128 26.13 20.55 19.95
C LYS A 128 27.11 19.65 20.69
N VAL A 129 28.40 19.80 20.43
CA VAL A 129 29.42 18.94 21.04
C VAL A 129 30.40 19.74 21.91
N TYR A 130 31.15 19.02 22.75
CA TYR A 130 32.18 19.60 23.59
C TYR A 130 33.48 18.96 23.25
N ARG A 131 34.24 19.59 22.37
CA ARG A 131 35.58 19.12 22.08
C ARG A 131 36.63 19.84 22.93
N ALA A 132 37.86 19.33 22.90
CA ALA A 132 38.96 19.78 23.76
C ALA A 132 39.49 21.18 23.41
N ASP A 133 39.40 21.53 22.12
CA ASP A 133 39.94 22.77 21.56
C ASP A 133 39.01 23.97 21.80
N ARG A 134 38.15 23.86 22.80
CA ARG A 134 37.46 25.00 23.33
C ARG A 134 37.10 24.58 24.72
N LYS A 135 35.97 25.05 25.21
CA LYS A 135 35.58 24.77 26.57
C LYS A 135 34.09 25.00 26.60
N SER A 136 33.60 25.68 25.59
CA SER A 136 32.17 25.89 25.46
C SER A 136 31.55 24.93 24.48
N VAL A 137 30.23 24.95 24.43
CA VAL A 137 29.48 23.95 23.70
C VAL A 137 29.38 24.36 22.23
N GLN A 138 30.48 24.15 21.50
CA GLN A 138 30.54 24.43 20.07
C GLN A 138 29.49 23.72 19.25
N ARG A 139 28.59 24.47 18.62
CA ARG A 139 27.58 23.89 17.75
C ARG A 139 28.15 23.59 16.36
N ILE A 140 28.13 22.33 15.93
CA ILE A 140 28.60 21.97 14.59
C ILE A 140 27.56 21.34 13.68
N LYS A 141 27.89 21.28 12.40
CA LYS A 141 27.15 20.52 11.41
C LYS A 141 26.98 19.06 11.82
N ALA A 142 25.74 18.59 11.93
CA ALA A 142 25.49 17.23 12.40
C ALA A 142 26.40 16.29 11.64
N ARG A 143 26.53 16.57 10.35
CA ARG A 143 27.33 15.82 9.42
C ARG A 143 28.75 15.53 9.88
N ASP A 144 29.23 16.32 10.83
CA ASP A 144 30.60 16.23 11.23
C ASP A 144 30.74 15.66 12.63
N ILE A 145 29.64 15.27 13.23
CA ILE A 145 29.72 14.58 14.50
C ILE A 145 30.23 13.16 14.27
N VAL A 146 30.82 12.56 15.29
CA VAL A 146 31.40 11.27 15.07
C VAL A 146 31.54 10.46 16.32
N PRO A 147 31.61 9.15 16.16
CA PRO A 147 31.45 8.29 17.30
C PRO A 147 32.45 8.66 18.39
N GLY A 148 31.97 8.91 19.59
CA GLY A 148 32.87 9.12 20.70
C GLY A 148 32.68 10.49 21.27
N ASP A 149 32.38 11.48 20.45
CA ASP A 149 32.40 12.83 21.00
C ASP A 149 31.17 13.16 21.85
N ILE A 150 31.39 13.97 22.88
CA ILE A 150 30.35 14.32 23.85
C ILE A 150 29.32 15.25 23.21
N VAL A 151 28.05 15.04 23.54
CA VAL A 151 26.98 15.83 22.93
C VAL A 151 26.02 16.37 23.96
N GLU A 152 25.35 17.46 23.58
CA GLU A 152 24.43 18.13 24.47
C GLU A 152 23.10 18.18 23.74
N VAL A 153 22.06 17.70 24.40
CA VAL A 153 20.73 17.87 23.87
C VAL A 153 19.90 18.57 24.92
N ALA A 154 19.00 19.43 24.47
CA ALA A 154 18.10 20.11 25.36
C ALA A 154 16.74 20.13 24.69
N VAL A 155 15.72 20.47 25.48
CA VAL A 155 14.35 20.44 25.01
C VAL A 155 14.21 21.16 23.67
N GLY A 156 13.49 20.51 22.74
CA GLY A 156 13.35 21.01 21.38
C GLY A 156 14.39 20.54 20.36
N ASP A 157 15.47 19.91 20.82
CA ASP A 157 16.51 19.47 19.90
C ASP A 157 16.09 18.21 19.13
N LYS A 158 16.63 18.08 17.93
CA LYS A 158 16.54 16.81 17.23
C LYS A 158 17.82 16.07 17.55
N VAL A 159 17.72 14.86 18.05
CA VAL A 159 18.91 14.10 18.42
C VAL A 159 19.72 13.82 17.16
N PRO A 160 21.01 14.21 17.16
CA PRO A 160 21.88 14.24 15.97
C PRO A 160 22.43 12.87 15.53
N ALA A 161 22.72 11.99 16.47
CA ALA A 161 23.22 10.65 16.20
C ALA A 161 22.71 9.69 17.30
N ASP A 162 23.14 8.43 17.28
CA ASP A 162 22.73 7.51 18.34
C ASP A 162 23.63 7.65 19.54
N ILE A 163 23.04 7.97 20.68
CA ILE A 163 23.80 8.52 21.80
C ILE A 163 23.50 7.76 23.10
N ARG A 164 24.56 7.29 23.77
CA ARG A 164 24.46 6.70 25.10
C ARG A 164 24.43 7.83 26.08
N ILE A 165 23.34 7.96 26.82
CA ILE A 165 23.21 9.07 27.74
C ILE A 165 24.23 9.02 28.87
N LEU A 166 24.83 10.15 29.19
CA LEU A 166 25.89 10.18 30.19
C LEU A 166 25.41 10.73 31.51
N SER A 167 24.86 11.94 31.50
CA SER A 167 24.11 12.42 32.66
C SER A 167 22.99 13.35 32.30
N ILE A 168 21.87 13.18 33.01
CA ILE A 168 20.73 14.05 32.83
C ILE A 168 20.89 15.22 33.78
N LYS A 169 21.03 16.41 33.21
CA LYS A 169 21.21 17.62 33.99
C LYS A 169 19.90 18.18 34.53
N SER A 170 18.83 18.05 33.77
CA SER A 170 17.52 18.49 34.25
C SER A 170 16.89 17.48 35.19
N THR A 171 15.77 17.87 35.78
CA THR A 171 15.03 17.05 36.75
C THR A 171 14.74 15.68 36.17
N THR A 172 14.14 15.67 34.99
CA THR A 172 13.98 14.42 34.24
C THR A 172 14.28 14.72 32.79
N LEU A 173 14.20 13.69 31.94
CA LEU A 173 14.49 13.85 30.53
C LEU A 173 13.47 13.08 29.73
N ARG A 174 12.83 13.75 28.79
CA ARG A 174 11.72 13.15 28.07
C ARG A 174 11.93 13.22 26.59
N VAL A 175 11.99 12.06 25.96
CA VAL A 175 12.31 12.02 24.56
C VAL A 175 11.05 11.68 23.82
N ASP A 176 11.04 11.99 22.53
CA ASP A 176 9.86 11.80 21.71
C ASP A 176 10.07 10.89 20.51
N GLN A 177 10.11 9.57 20.72
CA GLN A 177 10.45 8.70 19.61
C GLN A 177 9.25 8.32 18.72
N SER A 178 8.33 9.26 18.54
CA SER A 178 7.31 9.20 17.49
C SER A 178 7.76 8.68 16.13
N ILE A 179 8.84 9.24 15.61
CA ILE A 179 9.19 8.92 14.24
C ILE A 179 9.24 7.44 14.14
N LEU A 180 9.89 6.79 15.10
CA LEU A 180 10.07 5.36 15.01
C LEU A 180 8.72 4.71 15.20
N THR A 181 8.02 5.07 16.27
CA THR A 181 6.78 4.38 16.67
C THR A 181 5.54 5.04 16.08
N GLY A 182 5.23 6.26 16.50
CA GLY A 182 4.03 6.95 16.06
C GLY A 182 3.20 7.35 17.26
N GLU A 183 3.66 6.98 18.46
CA GLU A 183 2.82 7.12 19.66
C GLU A 183 3.10 8.38 20.44
N SER A 184 2.50 9.47 19.98
CA SER A 184 2.70 10.79 20.56
C SER A 184 3.42 10.82 21.94
N VAL A 185 3.05 9.94 22.87
CA VAL A 185 3.48 10.11 24.29
C VAL A 185 4.96 9.93 24.49
N SER A 186 5.59 10.90 25.14
CA SER A 186 7.04 10.96 25.23
C SER A 186 7.51 9.89 26.20
N VAL A 187 8.79 9.52 26.13
CA VAL A 187 9.35 8.49 27.00
C VAL A 187 10.45 8.97 27.92
N ILE A 188 10.47 8.42 29.14
CA ILE A 188 11.42 8.81 30.15
C ILE A 188 12.75 8.12 29.87
N LYS A 189 13.86 8.80 30.12
CA LYS A 189 15.16 8.18 29.94
C LYS A 189 15.87 8.09 31.27
N HIS A 190 16.94 7.29 31.33
CA HIS A 190 17.75 7.11 32.53
C HIS A 190 19.18 6.86 32.10
N THR A 191 20.09 6.70 33.04
CA THR A 191 21.46 6.41 32.65
C THR A 191 21.98 5.01 32.96
N GLU A 192 21.24 4.22 33.71
CA GLU A 192 21.69 2.88 34.07
C GLU A 192 21.94 2.08 32.83
N PRO A 193 22.86 1.12 32.88
CA PRO A 193 23.03 0.28 31.70
C PRO A 193 21.91 -0.76 31.57
N VAL A 194 21.23 -0.78 30.44
CA VAL A 194 20.35 -1.88 30.08
C VAL A 194 21.20 -3.10 29.77
N PRO A 195 21.28 -4.06 30.68
CA PRO A 195 22.41 -4.97 30.65
C PRO A 195 22.29 -6.14 29.64
N ASP A 196 21.09 -6.41 29.14
CA ASP A 196 20.85 -7.39 28.07
C ASP A 196 21.37 -6.85 26.76
N PRO A 197 22.33 -7.56 26.15
CA PRO A 197 23.01 -7.24 24.90
C PRO A 197 22.06 -7.16 23.75
N ARG A 198 21.01 -7.98 23.77
CA ARG A 198 20.08 -7.95 22.66
C ARG A 198 18.75 -7.38 23.07
N ALA A 199 18.75 -6.16 23.53
CA ALA A 199 17.52 -5.57 23.99
C ALA A 199 16.83 -4.85 22.85
N VAL A 200 15.51 -4.94 22.74
CA VAL A 200 14.81 -4.14 21.72
C VAL A 200 14.93 -2.63 22.00
N ASN A 201 14.66 -1.79 21.00
CA ASN A 201 14.71 -0.36 21.22
C ASN A 201 13.76 0.16 22.28
N GLN A 202 12.66 -0.53 22.48
CA GLN A 202 11.70 -0.06 23.45
C GLN A 202 12.29 -0.04 24.86
N ASP A 203 13.33 -0.83 25.05
CA ASP A 203 13.88 -1.16 26.36
C ASP A 203 15.25 -0.53 26.51
N LYS A 204 15.69 0.21 25.49
CA LYS A 204 16.96 0.87 25.59
C LYS A 204 16.69 2.23 26.15
N LYS A 205 16.49 2.29 27.46
CA LYS A 205 16.04 3.54 28.05
C LYS A 205 17.17 4.44 28.53
N ASN A 206 18.38 4.18 28.07
CA ASN A 206 19.46 5.09 28.30
C ASN A 206 20.10 5.41 26.98
N MET A 207 19.29 5.67 25.97
CA MET A 207 19.83 5.89 24.62
C MET A 207 19.00 6.94 23.92
N LEU A 208 19.61 7.71 23.04
CA LEU A 208 18.79 8.60 22.23
C LEU A 208 18.95 8.20 20.78
N PHE A 209 17.85 8.10 20.05
CA PHE A 209 17.99 7.74 18.65
C PHE A 209 18.03 8.93 17.74
N SER A 210 19.06 8.95 16.91
CA SER A 210 19.18 9.99 15.93
C SER A 210 17.83 10.17 15.20
N GLY A 211 17.30 11.38 15.24
CA GLY A 211 16.07 11.71 14.53
C GLY A 211 14.94 12.02 15.48
N THR A 212 15.12 11.61 16.74
CA THR A 212 14.15 11.84 17.78
C THR A 212 14.27 13.24 18.32
N ASN A 213 13.25 13.72 19.04
CA ASN A 213 13.33 15.03 19.71
C ASN A 213 13.30 14.89 21.21
N ILE A 214 14.03 15.76 21.89
CA ILE A 214 13.82 15.92 23.33
C ILE A 214 12.54 16.69 23.56
N ALA A 215 11.65 16.09 24.35
CA ALA A 215 10.34 16.69 24.60
C ALA A 215 10.31 17.36 25.97
N ALA A 216 11.35 17.14 26.75
CA ALA A 216 11.51 17.85 28.00
C ALA A 216 12.89 17.55 28.52
N GLY A 217 13.41 18.49 29.29
CA GLY A 217 14.67 18.26 29.97
C GLY A 217 15.89 18.50 29.10
N LYS A 218 17.06 18.15 29.64
CA LYS A 218 18.34 18.41 29.01
C LYS A 218 19.42 17.45 29.55
N ALA A 219 20.17 16.83 28.65
CA ALA A 219 21.21 15.91 29.07
C ALA A 219 22.47 15.95 28.23
N LEU A 220 23.50 15.30 28.74
CA LEU A 220 24.73 15.16 28.02
C LEU A 220 25.00 13.65 27.85
N GLY A 221 25.59 13.26 26.73
CA GLY A 221 25.77 11.85 26.44
C GLY A 221 26.93 11.66 25.50
N ILE A 222 27.27 10.40 25.20
CA ILE A 222 28.33 10.15 24.25
C ILE A 222 27.77 9.50 23.02
N VAL A 223 28.24 9.94 21.85
CA VAL A 223 27.79 9.36 20.59
C VAL A 223 28.21 7.88 20.46
N ALA A 224 27.26 6.98 20.36
CA ALA A 224 27.58 5.57 20.24
C ALA A 224 27.82 5.24 18.79
N THR A 225 26.98 5.75 17.91
CA THR A 225 27.06 5.44 16.47
C THR A 225 26.40 6.52 15.62
N THR A 226 26.90 6.65 14.40
CA THR A 226 26.44 7.69 13.49
C THR A 226 26.25 7.13 12.09
N GLY A 227 25.84 7.99 11.17
CA GLY A 227 25.73 7.57 9.78
C GLY A 227 24.75 6.43 9.63
N VAL A 228 25.11 5.42 8.85
CA VAL A 228 24.16 4.34 8.56
C VAL A 228 24.00 3.36 9.71
N SER A 229 24.72 3.59 10.80
CA SER A 229 24.87 2.57 11.80
C SER A 229 23.99 2.84 13.00
N THR A 230 23.11 3.82 12.86
CA THR A 230 22.26 4.18 13.96
C THR A 230 20.99 3.47 13.69
N GLU A 231 20.04 3.54 14.61
CA GLU A 231 18.84 2.75 14.46
C GLU A 231 18.03 3.17 13.24
N ILE A 232 17.92 4.47 13.02
CA ILE A 232 17.25 4.94 11.84
C ILE A 232 18.17 4.73 10.63
N GLY A 233 19.46 4.64 10.86
CA GLY A 233 20.35 4.45 9.72
C GLY A 233 20.23 3.05 9.14
N LYS A 234 19.78 2.13 9.98
CA LYS A 234 19.75 0.75 9.60
C LYS A 234 18.46 0.46 8.91
N ILE A 235 17.45 1.25 9.22
CA ILE A 235 16.19 1.07 8.56
C ILE A 235 16.34 1.61 7.16
N ARG A 236 17.09 2.68 7.02
CA ARG A 236 17.39 3.18 5.69
C ARG A 236 18.05 2.07 4.89
N ASP A 237 18.96 1.36 5.53
CA ASP A 237 19.76 0.37 4.80
C ASP A 237 19.00 -0.88 4.38
N GLN A 238 17.86 -1.14 5.01
CA GLN A 238 17.07 -2.33 4.70
C GLN A 238 16.25 -2.00 3.50
N MET A 239 15.80 -0.76 3.42
CA MET A 239 14.95 -0.37 2.31
C MET A 239 15.81 -0.16 1.08
N ALA A 240 17.09 0.06 1.29
CA ALA A 240 18.01 0.23 0.18
C ALA A 240 18.18 -1.11 -0.52
N ALA A 241 18.31 -2.17 0.25
CA ALA A 241 18.62 -3.50 -0.28
C ALA A 241 17.40 -4.29 -0.77
N THR A 242 16.24 -3.63 -0.81
CA THR A 242 15.01 -4.27 -1.24
C THR A 242 14.94 -4.28 -2.76
N GLU A 243 14.79 -5.48 -3.32
CA GLU A 243 14.52 -5.63 -4.76
C GLU A 243 13.03 -5.35 -5.04
N GLN A 244 12.74 -4.22 -5.67
CA GLN A 244 11.35 -3.87 -5.93
C GLN A 244 10.83 -4.49 -7.25
N ASP A 245 10.00 -5.52 -7.15
CA ASP A 245 9.50 -6.20 -8.36
C ASP A 245 8.41 -5.41 -9.09
N LYS A 246 8.27 -5.62 -10.41
CA LYS A 246 7.18 -5.01 -11.19
C LYS A 246 5.83 -5.68 -10.89
N THR A 247 4.72 -5.08 -11.31
CA THR A 247 3.41 -5.66 -11.02
C THR A 247 3.13 -6.85 -11.92
N PRO A 248 2.10 -7.67 -11.59
CA PRO A 248 1.79 -8.84 -12.43
C PRO A 248 1.35 -8.45 -13.84
N LEU A 249 1.00 -7.19 -14.05
CA LEU A 249 0.65 -6.73 -15.39
C LEU A 249 1.89 -6.34 -16.18
N GLN A 250 2.62 -5.33 -15.68
CA GLN A 250 3.86 -4.88 -16.34
C GLN A 250 4.83 -6.04 -16.57
N GLN A 251 4.63 -7.15 -15.85
CA GLN A 251 5.47 -8.32 -16.04
C GLN A 251 5.04 -9.18 -17.21
N LYS A 252 3.75 -9.43 -17.35
CA LYS A 252 3.29 -10.23 -18.47
C LYS A 252 3.01 -9.39 -19.71
N LEU A 253 3.08 -8.08 -19.54
CA LEU A 253 3.03 -7.15 -20.64
C LEU A 253 4.41 -7.05 -21.26
N ASP A 254 5.43 -7.27 -20.45
CA ASP A 254 6.78 -7.19 -20.96
C ASP A 254 7.12 -8.41 -21.78
N GLU A 255 6.60 -9.57 -21.40
CA GLU A 255 6.80 -10.76 -22.21
C GLU A 255 5.80 -10.85 -23.36
N PHE A 256 4.93 -9.85 -23.46
CA PHE A 256 4.10 -9.70 -24.64
C PHE A 256 4.86 -8.90 -25.68
N GLY A 257 5.54 -7.85 -25.22
CA GLY A 257 6.45 -7.10 -26.06
C GLY A 257 7.46 -8.01 -26.74
N GLU A 258 8.10 -8.88 -25.96
CA GLU A 258 9.10 -9.77 -26.54
C GLU A 258 8.49 -10.74 -27.55
N GLN A 259 7.28 -11.21 -27.28
CA GLN A 259 6.58 -12.11 -28.19
C GLN A 259 6.15 -11.40 -29.48
N LEU A 260 5.85 -10.12 -29.37
CA LEU A 260 5.44 -9.34 -30.53
C LEU A 260 6.64 -8.97 -31.38
N SER A 261 7.78 -8.70 -30.74
CA SER A 261 8.99 -8.33 -31.44
C SER A 261 9.60 -9.54 -32.15
N LYS A 262 9.28 -10.72 -31.64
CA LYS A 262 9.74 -11.97 -32.22
C LYS A 262 8.87 -12.37 -33.42
N VAL A 263 7.57 -12.05 -33.36
CA VAL A 263 6.64 -12.37 -34.44
C VAL A 263 6.83 -11.51 -35.68
N ILE A 264 7.20 -10.24 -35.48
CA ILE A 264 7.34 -9.32 -36.59
C ILE A 264 8.47 -9.73 -37.52
N SER A 265 9.65 -9.98 -36.94
CA SER A 265 10.79 -10.38 -37.74
C SER A 265 10.72 -11.87 -38.10
N LEU A 266 9.59 -12.49 -37.80
CA LEU A 266 9.33 -13.85 -38.25
C LEU A 266 8.40 -13.84 -39.47
N ILE A 267 7.53 -12.83 -39.53
CA ILE A 267 6.71 -12.62 -40.72
C ILE A 267 7.51 -11.91 -41.82
N CYS A 268 8.43 -11.06 -41.40
CA CYS A 268 9.28 -10.33 -42.33
C CYS A 268 10.35 -11.20 -42.97
N VAL A 269 10.36 -12.48 -42.60
CA VAL A 269 11.17 -13.47 -43.29
C VAL A 269 10.26 -14.52 -43.90
N ALA A 270 8.99 -14.50 -43.49
CA ALA A 270 7.98 -15.39 -44.04
C ALA A 270 7.40 -14.83 -45.34
N VAL A 271 7.33 -13.51 -45.44
CA VAL A 271 6.95 -12.87 -46.70
C VAL A 271 8.02 -13.14 -47.75
N TRP A 272 9.27 -13.18 -47.29
CA TRP A 272 10.43 -13.47 -48.12
C TRP A 272 10.36 -14.89 -48.65
N LEU A 273 9.94 -15.82 -47.80
CA LEU A 273 9.80 -17.23 -48.18
C LEU A 273 8.70 -17.45 -49.22
N ILE A 274 7.89 -16.41 -49.48
CA ILE A 274 6.90 -16.48 -50.55
C ILE A 274 7.27 -15.68 -51.81
N ASN A 275 8.17 -14.70 -51.66
CA ASN A 275 8.76 -13.92 -52.79
C ASN A 275 10.09 -14.47 -53.29
N ILE A 276 10.44 -15.67 -52.85
CA ILE A 276 11.66 -16.33 -53.27
C ILE A 276 11.63 -16.56 -54.76
N GLY A 277 10.44 -16.45 -55.34
CA GLY A 277 10.26 -16.66 -56.78
C GLY A 277 10.89 -15.57 -57.63
N HIS A 278 11.30 -14.48 -56.99
CA HIS A 278 11.91 -13.37 -57.70
C HIS A 278 13.33 -13.72 -58.16
N PHE A 279 13.89 -14.78 -57.58
CA PHE A 279 15.24 -15.22 -57.95
C PHE A 279 15.22 -15.80 -59.36
N ASN A 280 14.01 -16.07 -59.83
CA ASN A 280 13.82 -16.65 -61.15
C ASN A 280 13.42 -15.61 -62.20
N ASP A 281 13.49 -14.34 -61.83
CA ASP A 281 13.16 -13.24 -62.74
C ASP A 281 14.37 -12.92 -63.61
N PRO A 282 14.14 -12.22 -64.73
CA PRO A 282 15.27 -11.85 -65.60
C PRO A 282 16.23 -10.88 -64.92
N VAL A 283 17.52 -11.01 -65.24
CA VAL A 283 18.53 -10.10 -64.71
C VAL A 283 18.21 -8.65 -65.05
N HIS A 284 17.68 -8.44 -66.26
CA HIS A 284 17.31 -7.10 -66.72
C HIS A 284 15.80 -6.88 -66.65
N GLY A 285 15.40 -5.70 -66.16
CA GLY A 285 13.98 -5.38 -66.02
C GLY A 285 13.58 -5.09 -64.59
N GLY A 286 12.44 -4.48 -64.39
CA GLY A 286 12.09 -4.17 -63.01
C GLY A 286 13.14 -3.30 -62.33
N SER A 287 12.93 -3.00 -61.06
CA SER A 287 13.70 -1.96 -60.39
C SER A 287 14.59 -2.53 -59.28
N TRP A 288 15.89 -2.60 -59.55
CA TRP A 288 16.87 -2.99 -58.53
C TRP A 288 16.63 -2.23 -57.23
N ILE A 289 17.35 -1.15 -57.01
CA ILE A 289 16.99 -0.24 -55.94
C ILE A 289 15.50 -0.30 -55.59
N ARG A 290 14.65 -0.44 -56.61
CA ARG A 290 13.20 -0.51 -56.43
C ARG A 290 12.80 -1.80 -55.73
N GLY A 291 13.51 -2.88 -56.03
CA GLY A 291 13.24 -4.16 -55.38
C GLY A 291 13.41 -4.03 -53.88
N ALA A 292 14.52 -3.45 -53.46
CA ALA A 292 14.78 -3.23 -52.04
C ALA A 292 13.70 -2.39 -51.39
N ILE A 293 13.33 -1.30 -52.05
CA ILE A 293 12.37 -0.34 -51.51
C ILE A 293 10.99 -0.94 -51.23
N TYR A 294 10.54 -1.84 -52.10
CA TYR A 294 9.23 -2.46 -51.90
C TYR A 294 9.12 -3.15 -50.54
N TYR A 295 9.91 -4.20 -50.35
CA TYR A 295 9.87 -5.02 -49.12
C TYR A 295 9.89 -4.18 -47.83
N PHE A 296 10.14 -2.89 -47.98
CA PHE A 296 10.34 -1.97 -46.87
C PHE A 296 9.06 -1.18 -46.60
N LYS A 297 8.11 -1.26 -47.53
CA LYS A 297 6.78 -0.68 -47.34
C LYS A 297 5.92 -1.64 -46.55
N ILE A 298 6.06 -2.92 -46.84
CA ILE A 298 5.33 -3.93 -46.09
C ILE A 298 5.92 -4.16 -44.70
N ALA A 299 7.23 -3.99 -44.57
CA ALA A 299 7.88 -4.08 -43.27
C ALA A 299 7.29 -3.02 -42.37
N VAL A 300 7.30 -1.78 -42.85
CA VAL A 300 6.75 -0.65 -42.12
C VAL A 300 5.28 -0.85 -41.83
N ALA A 301 4.55 -1.37 -42.82
CA ALA A 301 3.13 -1.65 -42.63
C ALA A 301 2.94 -2.72 -41.58
N LEU A 302 3.81 -3.73 -41.59
CA LEU A 302 3.73 -4.83 -40.64
C LEU A 302 4.10 -4.36 -39.23
N ALA A 303 4.94 -3.34 -39.16
CA ALA A 303 5.29 -2.72 -37.90
C ALA A 303 4.07 -2.11 -37.24
N VAL A 304 3.38 -1.24 -37.97
CA VAL A 304 2.30 -0.46 -37.38
C VAL A 304 1.03 -1.28 -37.17
N ALA A 305 0.93 -2.38 -37.91
CA ALA A 305 -0.29 -3.19 -37.94
C ALA A 305 -0.40 -4.11 -36.72
N ALA A 306 0.73 -4.40 -36.07
CA ALA A 306 0.74 -5.30 -34.92
C ALA A 306 0.90 -4.56 -33.61
N ILE A 307 1.44 -3.35 -33.64
CA ILE A 307 1.36 -2.50 -32.48
C ILE A 307 -0.09 -2.28 -32.13
N PRO A 308 -0.32 -1.43 -31.14
CA PRO A 308 -1.64 -1.17 -30.65
C PRO A 308 -1.48 0.17 -29.97
N GLU A 309 -0.27 0.69 -30.14
CA GLU A 309 0.10 2.08 -29.91
C GLU A 309 -0.74 2.91 -28.96
N GLY A 310 -2.06 2.87 -29.10
CA GLY A 310 -2.93 3.47 -28.10
C GLY A 310 -2.68 2.88 -26.71
N LEU A 311 -2.69 1.55 -26.62
CA LEU A 311 -2.50 0.92 -25.33
C LEU A 311 -2.09 1.90 -24.22
N PRO A 312 -0.82 2.34 -24.23
CA PRO A 312 -0.31 3.26 -23.24
C PRO A 312 -1.30 4.34 -22.83
N ALA A 313 -1.75 5.13 -23.80
CA ALA A 313 -2.70 6.20 -23.51
C ALA A 313 -3.94 5.66 -22.79
N VAL A 314 -4.40 4.50 -23.23
CA VAL A 314 -5.62 3.93 -22.67
C VAL A 314 -5.41 3.48 -21.24
N ILE A 315 -4.41 2.63 -21.02
CA ILE A 315 -4.02 2.21 -19.68
C ILE A 315 -3.94 3.40 -18.75
N THR A 316 -3.02 4.31 -19.04
CA THR A 316 -2.84 5.49 -18.22
C THR A 316 -4.16 6.18 -17.89
N THR A 317 -5.03 6.30 -18.87
CA THR A 317 -6.34 6.91 -18.64
C THR A 317 -7.12 6.09 -17.62
N CYS A 318 -7.06 4.78 -17.80
CA CYS A 318 -7.83 3.85 -17.02
C CYS A 318 -7.38 3.86 -15.54
N LEU A 319 -6.07 3.83 -15.33
CA LEU A 319 -5.50 3.91 -13.99
C LEU A 319 -5.76 5.24 -13.32
N ALA A 320 -5.55 6.34 -14.05
CA ALA A 320 -5.77 7.67 -13.49
C ALA A 320 -7.25 7.94 -13.22
N LEU A 321 -8.11 7.19 -13.90
CA LEU A 321 -9.55 7.23 -13.65
C LEU A 321 -9.92 6.29 -12.51
N GLY A 322 -9.02 5.38 -12.16
CA GLY A 322 -9.19 4.53 -10.99
C GLY A 322 -8.80 5.23 -9.71
N THR A 323 -7.68 5.95 -9.74
CA THR A 323 -7.22 6.68 -8.57
C THR A 323 -8.30 7.60 -8.06
N ARG A 324 -8.81 8.46 -8.93
CA ARG A 324 -9.89 9.36 -8.57
C ARG A 324 -11.11 8.62 -8.04
N ARG A 325 -11.20 7.34 -8.37
CA ARG A 325 -12.40 6.58 -8.02
C ARG A 325 -12.25 5.89 -6.68
N MET A 326 -11.01 5.63 -6.28
CA MET A 326 -10.74 4.98 -5.01
C MET A 326 -10.59 6.03 -3.93
N ALA A 327 -10.21 7.23 -4.33
CA ALA A 327 -10.09 8.33 -3.39
C ALA A 327 -11.44 8.71 -2.79
N LYS A 328 -12.50 8.44 -3.55
CA LYS A 328 -13.85 8.64 -3.05
C LYS A 328 -14.16 7.63 -1.97
N LYS A 329 -13.55 6.46 -2.05
CA LYS A 329 -13.75 5.47 -1.00
C LYS A 329 -12.62 5.51 0.04
N ASN A 330 -11.88 6.62 0.09
CA ASN A 330 -10.93 6.89 1.16
C ASN A 330 -9.57 6.22 0.99
N ALA A 331 -9.36 5.59 -0.15
CA ALA A 331 -8.08 4.97 -0.45
C ALA A 331 -7.26 5.90 -1.30
N ILE A 332 -6.26 6.54 -0.71
CA ILE A 332 -5.31 7.28 -1.50
C ILE A 332 -4.24 6.34 -2.05
N VAL A 333 -4.25 6.11 -3.37
CA VAL A 333 -3.24 5.28 -4.03
C VAL A 333 -2.17 6.14 -4.69
N ARG A 334 -0.91 5.99 -4.30
CA ARG A 334 0.14 6.92 -4.70
C ARG A 334 0.88 6.50 -5.98
N SER A 335 1.57 5.38 -5.93
CA SER A 335 2.04 4.68 -7.13
C SER A 335 0.87 4.38 -8.10
N LEU A 336 0.96 4.81 -9.35
CA LEU A 336 -0.11 4.54 -10.31
C LEU A 336 -0.49 3.06 -10.49
N PRO A 337 0.46 2.25 -11.00
CA PRO A 337 0.18 0.87 -11.37
C PRO A 337 -0.38 0.06 -10.20
N SER A 338 -0.06 0.49 -8.98
CA SER A 338 -0.50 -0.17 -7.76
C SER A 338 -1.96 -0.57 -7.82
N VAL A 339 -2.70 0.06 -8.72
CA VAL A 339 -4.13 -0.14 -8.77
C VAL A 339 -4.47 -1.48 -9.40
N GLU A 340 -3.58 -1.97 -10.27
CA GLU A 340 -3.82 -3.26 -10.90
C GLU A 340 -3.39 -4.37 -9.96
N THR A 341 -2.23 -4.17 -9.32
CA THR A 341 -1.70 -5.15 -8.37
C THR A 341 -2.60 -5.23 -7.15
N LEU A 342 -3.27 -4.13 -6.87
CA LEU A 342 -4.29 -4.09 -5.84
C LEU A 342 -5.35 -5.15 -6.07
N GLY A 343 -5.48 -5.60 -7.31
CA GLY A 343 -6.53 -6.52 -7.70
C GLY A 343 -6.23 -7.98 -7.39
N CYS A 344 -4.94 -8.32 -7.22
CA CYS A 344 -4.55 -9.69 -6.90
C CYS A 344 -4.16 -9.86 -5.45
N THR A 345 -4.47 -8.86 -4.63
CA THR A 345 -4.10 -8.90 -3.22
C THR A 345 -4.51 -10.24 -2.64
N SER A 346 -3.54 -11.00 -2.20
CA SER A 346 -3.79 -12.33 -1.71
C SER A 346 -4.02 -12.37 -0.21
N VAL A 347 -3.26 -11.56 0.52
CA VAL A 347 -3.23 -11.58 1.99
C VAL A 347 -3.20 -10.15 2.51
N ILE A 348 -3.84 -9.92 3.66
CA ILE A 348 -3.85 -8.60 4.28
C ILE A 348 -3.51 -8.71 5.74
N CYS A 349 -2.40 -8.10 6.14
CA CYS A 349 -2.05 -8.05 7.55
C CYS A 349 -2.43 -6.68 8.03
N SER A 350 -3.34 -6.61 8.98
CA SER A 350 -3.69 -5.35 9.55
C SER A 350 -3.32 -5.22 11.01
N ASP A 351 -3.02 -4.00 11.42
CA ASP A 351 -2.83 -3.69 12.82
C ASP A 351 -4.20 -3.78 13.45
N LYS A 352 -4.30 -4.11 14.73
CA LYS A 352 -5.60 -4.10 15.38
C LYS A 352 -6.09 -2.70 15.74
N THR A 353 -5.56 -2.15 16.83
CA THR A 353 -5.95 -0.80 17.24
C THR A 353 -6.01 0.15 16.06
N GLY A 354 -7.06 0.95 15.99
CA GLY A 354 -7.12 2.04 15.00
C GLY A 354 -7.55 1.69 13.57
N THR A 355 -7.37 0.43 13.19
CA THR A 355 -7.81 -0.05 11.90
C THR A 355 -8.94 -1.03 12.07
N LEU A 356 -8.70 -2.18 12.67
CA LEU A 356 -9.80 -3.05 12.99
C LEU A 356 -10.71 -2.48 14.07
N THR A 357 -10.13 -1.77 15.04
CA THR A 357 -10.93 -1.18 16.09
C THR A 357 -10.79 0.33 16.10
N THR A 358 -11.58 0.99 16.93
CA THR A 358 -11.80 2.42 16.77
C THR A 358 -10.95 3.24 17.71
N ASN A 359 -10.09 2.56 18.47
CA ASN A 359 -9.30 3.19 19.51
C ASN A 359 -10.04 4.09 20.48
N GLN A 360 -11.33 3.80 20.64
CA GLN A 360 -12.18 4.47 21.61
C GLN A 360 -12.38 3.60 22.85
N MET A 361 -11.31 3.48 23.63
CA MET A 361 -11.23 2.54 24.74
C MET A 361 -12.13 2.99 25.89
N SER A 362 -12.98 2.11 26.41
CA SER A 362 -13.67 2.38 27.67
C SER A 362 -13.91 1.17 28.61
N VAL A 363 -13.79 1.43 29.92
CA VAL A 363 -13.92 0.42 30.95
C VAL A 363 -15.36 0.02 31.07
N CYS A 364 -15.64 -1.26 31.29
CA CYS A 364 -17.04 -1.64 31.39
C CYS A 364 -17.32 -2.91 32.19
N LYS A 365 -16.32 -3.31 32.96
CA LYS A 365 -16.52 -4.29 34.00
C LYS A 365 -15.39 -4.07 35.00
N MET A 366 -15.62 -4.36 36.27
CA MET A 366 -14.58 -4.14 37.27
C MET A 366 -15.02 -4.90 38.47
N PHE A 367 -14.10 -5.36 39.28
CA PHE A 367 -14.48 -6.07 40.49
C PHE A 367 -13.51 -5.89 41.63
N ILE A 368 -14.00 -6.07 42.84
CA ILE A 368 -13.15 -6.05 44.00
C ILE A 368 -13.48 -7.27 44.83
N ILE A 369 -12.74 -7.51 45.91
CA ILE A 369 -13.04 -8.66 46.75
C ILE A 369 -14.23 -8.35 47.64
N ASP A 370 -15.07 -9.36 47.85
CA ASP A 370 -16.27 -9.22 48.66
C ASP A 370 -16.04 -9.79 50.05
N LYS A 371 -15.80 -11.10 50.14
CA LYS A 371 -15.26 -11.69 51.34
C LYS A 371 -14.52 -12.99 51.10
N VAL A 372 -13.62 -13.29 52.03
CA VAL A 372 -12.68 -14.39 51.92
C VAL A 372 -12.64 -15.13 53.25
N ASP A 373 -13.09 -16.38 53.25
CA ASP A 373 -13.05 -17.22 54.44
C ASP A 373 -12.69 -18.64 54.03
N GLY A 374 -11.41 -18.96 54.17
CA GLY A 374 -10.86 -20.27 53.83
C GLY A 374 -10.78 -20.52 52.33
N ASP A 375 -11.81 -21.15 51.80
CA ASP A 375 -11.87 -21.40 50.38
C ASP A 375 -12.81 -20.40 49.79
N PHE A 376 -13.97 -20.22 50.39
CA PHE A 376 -14.88 -19.26 49.83
C PHE A 376 -14.12 -17.99 49.50
N CYS A 377 -14.11 -17.65 48.21
CA CYS A 377 -13.64 -16.36 47.77
C CYS A 377 -14.69 -15.74 46.86
N SER A 378 -15.54 -14.91 47.43
CA SER A 378 -16.59 -14.28 46.64
C SER A 378 -16.06 -12.99 46.09
N LEU A 379 -16.47 -12.66 44.88
CA LEU A 379 -16.13 -11.37 44.29
C LEU A 379 -17.33 -10.47 44.38
N ASN A 380 -17.09 -9.18 44.29
CA ASN A 380 -18.15 -8.22 44.16
C ASN A 380 -17.98 -7.46 42.87
N GLU A 381 -18.76 -7.77 41.85
CA GLU A 381 -18.46 -7.23 40.51
C GLU A 381 -19.52 -6.42 39.79
N PHE A 382 -19.09 -5.31 39.22
CA PHE A 382 -19.99 -4.35 38.63
C PHE A 382 -19.80 -4.25 37.13
N SER A 383 -20.62 -3.42 36.48
CA SER A 383 -20.50 -3.11 35.07
C SER A 383 -20.65 -1.62 34.93
N ILE A 384 -19.99 -1.07 33.92
CA ILE A 384 -20.12 0.35 33.60
C ILE A 384 -20.78 0.52 32.23
N THR A 385 -21.60 1.55 32.07
CA THR A 385 -22.24 1.82 30.80
C THR A 385 -21.72 3.11 30.16
N GLY A 386 -21.59 3.11 28.83
CA GLY A 386 -21.03 4.24 28.08
C GLY A 386 -19.78 3.91 27.27
N SER A 387 -19.87 4.02 25.95
CA SER A 387 -18.75 3.66 25.11
C SER A 387 -17.78 4.84 25.01
N THR A 388 -18.31 6.04 25.14
CA THR A 388 -17.53 7.27 24.91
C THR A 388 -16.54 7.62 26.07
N TYR A 389 -15.73 8.67 25.89
CA TYR A 389 -14.93 9.21 27.00
C TYR A 389 -15.76 10.15 27.88
N ALA A 390 -17.03 10.30 27.54
CA ALA A 390 -17.85 11.27 28.22
C ALA A 390 -18.25 10.76 29.59
N PRO A 391 -18.16 11.61 30.61
CA PRO A 391 -18.50 11.21 31.96
C PRO A 391 -19.97 10.84 32.09
N GLU A 392 -20.63 10.59 30.97
CA GLU A 392 -22.01 10.11 31.03
C GLU A 392 -22.11 8.58 31.02
N GLY A 393 -22.87 8.03 31.97
CA GLY A 393 -23.08 6.59 32.07
C GLY A 393 -23.22 6.19 33.53
N GLU A 394 -23.47 4.93 33.80
CA GLU A 394 -23.68 4.55 35.19
C GLU A 394 -23.00 3.25 35.60
N VAL A 395 -22.81 3.06 36.91
CA VAL A 395 -22.24 1.81 37.41
C VAL A 395 -23.36 0.92 37.91
N LEU A 396 -23.36 -0.36 37.54
CA LEU A 396 -24.42 -1.21 38.04
C LEU A 396 -23.95 -2.55 38.52
N LYS A 397 -24.46 -2.94 39.70
CA LYS A 397 -24.28 -4.27 40.27
C LYS A 397 -25.55 -5.07 40.08
N ASN A 398 -25.40 -6.35 39.75
CA ASN A 398 -26.57 -7.19 39.64
C ASN A 398 -27.51 -6.58 38.58
N ASP A 399 -26.91 -5.87 37.64
CA ASP A 399 -27.63 -5.28 36.50
C ASP A 399 -28.56 -4.15 36.86
N LYS A 400 -28.13 -3.26 37.73
CA LYS A 400 -29.06 -2.35 38.36
C LYS A 400 -28.29 -1.29 39.13
N PRO A 401 -28.51 0.00 38.80
CA PRO A 401 -27.57 1.06 39.22
C PRO A 401 -27.31 1.08 40.73
N ILE A 402 -26.04 1.10 41.14
CA ILE A 402 -25.71 1.26 42.54
C ILE A 402 -24.83 2.47 42.73
N ARG A 403 -24.84 3.03 43.94
CA ARG A 403 -24.09 4.24 44.19
C ARG A 403 -22.69 3.86 44.61
N SER A 404 -21.73 4.09 43.70
CA SER A 404 -20.39 3.50 43.79
C SER A 404 -19.67 3.66 45.14
N GLY A 405 -19.83 4.80 45.79
CA GLY A 405 -19.07 5.07 47.00
C GLY A 405 -19.53 4.37 48.26
N GLN A 406 -20.62 3.60 48.18
CA GLN A 406 -21.06 2.88 49.36
C GLN A 406 -20.26 1.59 49.54
N PHE A 407 -19.42 1.30 48.55
CA PHE A 407 -18.54 0.15 48.59
C PHE A 407 -17.12 0.61 48.86
N ASP A 408 -16.59 0.28 50.04
CA ASP A 408 -15.29 0.82 50.43
C ASP A 408 -14.22 0.54 49.36
N GLY A 409 -14.18 -0.71 48.88
CA GLY A 409 -13.20 -1.11 47.88
C GLY A 409 -13.30 -0.29 46.61
N LEU A 410 -14.51 0.08 46.20
CA LEU A 410 -14.64 0.88 45.00
C LEU A 410 -14.02 2.24 45.18
N VAL A 411 -13.99 2.71 46.42
CA VAL A 411 -13.27 3.94 46.67
C VAL A 411 -11.80 3.77 46.28
N GLU A 412 -11.16 2.73 46.80
CA GLU A 412 -9.73 2.51 46.52
C GLU A 412 -9.54 2.36 45.03
N LEU A 413 -10.46 1.63 44.39
CA LEU A 413 -10.34 1.29 42.98
C LEU A 413 -10.26 2.58 42.14
N ALA A 414 -11.07 3.55 42.52
CA ALA A 414 -11.07 4.84 41.88
C ALA A 414 -9.90 5.71 42.32
N THR A 415 -9.47 5.57 43.57
CA THR A 415 -8.34 6.38 44.03
C THR A 415 -7.07 6.12 43.22
N ILE A 416 -6.77 4.85 43.07
CA ILE A 416 -5.64 4.44 42.29
C ILE A 416 -5.87 4.90 40.86
N CYS A 417 -7.04 4.64 40.33
CA CYS A 417 -7.29 4.98 38.94
C CYS A 417 -7.04 6.43 38.65
N ALA A 418 -7.23 7.29 39.62
CA ALA A 418 -7.03 8.68 39.36
C ALA A 418 -5.57 9.08 39.61
N LEU A 419 -4.96 8.57 40.67
CA LEU A 419 -3.65 9.03 41.05
C LEU A 419 -2.58 8.36 40.24
N CYS A 420 -2.86 7.13 39.80
CA CYS A 420 -1.86 6.38 39.09
C CYS A 420 -2.11 6.55 37.62
N ASN A 421 -2.46 7.78 37.25
CA ASN A 421 -2.93 8.09 35.90
C ASN A 421 -2.21 9.32 35.36
N ASP A 422 -1.76 9.24 34.11
CA ASP A 422 -0.92 10.30 33.56
C ASP A 422 -1.65 11.01 32.46
N SER A 423 -2.91 10.67 32.27
CA SER A 423 -3.73 11.26 31.21
C SER A 423 -4.95 11.97 31.77
N SER A 424 -5.83 12.44 30.89
CA SER A 424 -6.93 13.33 31.31
C SER A 424 -7.92 13.60 30.18
N LEU A 425 -9.11 14.04 30.54
CA LEU A 425 -10.15 14.31 29.57
C LEU A 425 -10.06 15.77 29.21
N ASP A 426 -10.65 16.14 28.08
CA ASP A 426 -10.96 17.54 27.81
C ASP A 426 -12.21 17.65 26.99
N PHE A 427 -13.08 18.59 27.35
CA PHE A 427 -14.22 18.85 26.50
C PHE A 427 -13.83 19.71 25.32
N ASN A 428 -14.11 19.19 24.14
CA ASN A 428 -13.94 19.94 22.91
C ASN A 428 -15.16 20.82 22.63
N GLU A 429 -14.92 22.11 22.47
CA GLU A 429 -16.00 23.05 22.23
C GLU A 429 -16.50 22.99 20.79
N THR A 430 -15.56 22.82 19.85
CA THR A 430 -15.86 22.75 18.41
C THR A 430 -16.78 21.57 18.05
N LYS A 431 -16.21 20.37 18.08
CA LYS A 431 -16.95 19.16 17.79
C LYS A 431 -18.12 18.99 18.74
N GLY A 432 -17.98 19.51 19.97
CA GLY A 432 -19.01 19.38 21.02
C GLY A 432 -18.90 18.11 21.84
N VAL A 433 -17.74 17.44 21.75
CA VAL A 433 -17.55 16.17 22.43
C VAL A 433 -16.20 16.09 23.16
N TYR A 434 -16.13 15.17 24.12
CA TYR A 434 -14.94 15.02 24.94
C TYR A 434 -13.74 14.51 24.15
N GLU A 435 -12.55 14.86 24.62
CA GLU A 435 -11.30 14.52 23.96
C GLU A 435 -10.46 13.78 24.96
N LYS A 436 -9.74 12.77 24.50
CA LYS A 436 -8.70 12.16 25.31
C LYS A 436 -7.41 12.96 25.22
N VAL A 437 -6.66 12.99 26.33
CA VAL A 437 -5.35 13.65 26.38
C VAL A 437 -4.33 12.68 26.96
N GLY A 438 -3.70 11.90 26.09
CA GLY A 438 -2.63 11.02 26.54
C GLY A 438 -2.74 9.63 25.96
N GLU A 439 -2.69 8.64 26.82
CA GLU A 439 -2.96 7.27 26.45
C GLU A 439 -4.46 6.99 26.37
N ALA A 440 -4.88 6.17 25.43
CA ALA A 440 -6.30 5.84 25.36
C ALA A 440 -6.70 5.04 26.61
N THR A 441 -5.84 4.10 27.00
CA THR A 441 -6.08 3.25 28.17
C THR A 441 -6.25 4.07 29.44
N GLU A 442 -5.38 5.05 29.62
CA GLU A 442 -5.42 5.85 30.82
C GLU A 442 -6.63 6.75 30.85
N THR A 443 -6.93 7.35 29.70
CA THR A 443 -8.04 8.30 29.64
C THR A 443 -9.32 7.58 29.95
N ALA A 444 -9.39 6.30 29.61
CA ALA A 444 -10.58 5.51 29.92
C ALA A 444 -10.76 5.38 31.42
N LEU A 445 -9.63 5.29 32.14
CA LEU A 445 -9.60 5.23 33.60
C LEU A 445 -10.10 6.54 34.18
N THR A 446 -9.71 7.63 33.56
CA THR A 446 -10.06 8.94 34.04
C THR A 446 -11.57 9.13 33.91
N THR A 447 -12.12 8.60 32.83
CA THR A 447 -13.55 8.62 32.57
C THR A 447 -14.30 7.75 33.56
N LEU A 448 -13.61 6.76 34.10
CA LEU A 448 -14.26 5.81 34.98
C LEU A 448 -14.49 6.48 36.29
N VAL A 449 -13.42 6.99 36.87
CA VAL A 449 -13.52 7.59 38.18
C VAL A 449 -14.48 8.76 38.13
N GLU A 450 -14.79 9.23 36.92
CA GLU A 450 -15.87 10.20 36.75
C GLU A 450 -17.22 9.52 36.91
N LYS A 451 -17.52 8.57 36.04
CA LYS A 451 -18.79 7.84 36.14
C LYS A 451 -19.00 7.33 37.55
N MET A 452 -17.96 6.77 38.15
CA MET A 452 -18.04 6.23 39.49
C MET A 452 -18.49 7.25 40.51
N ASN A 453 -17.75 8.35 40.61
CA ASN A 453 -18.09 9.43 41.52
C ASN A 453 -18.12 9.04 43.00
N VAL A 454 -17.03 8.48 43.51
CA VAL A 454 -17.10 7.78 44.77
C VAL A 454 -17.36 8.67 45.98
N PHE A 455 -17.29 9.98 45.80
CA PHE A 455 -17.45 10.90 46.92
C PHE A 455 -18.73 11.72 46.86
N ASN A 456 -19.51 11.50 45.81
CA ASN A 456 -20.77 12.19 45.66
C ASN A 456 -20.55 13.69 45.51
N THR A 457 -19.59 14.04 44.70
CA THR A 457 -19.33 15.41 44.37
C THR A 457 -20.49 15.93 43.52
N GLU A 458 -20.95 17.15 43.80
CA GLU A 458 -22.04 17.76 43.03
C GLU A 458 -21.57 18.00 41.61
N VAL A 459 -22.20 17.35 40.65
CA VAL A 459 -21.60 17.29 39.31
C VAL A 459 -22.53 17.77 38.22
N ARG A 460 -23.82 17.83 38.53
CA ARG A 460 -24.81 18.16 37.52
C ARG A 460 -24.96 19.67 37.38
N ASN A 461 -24.49 20.41 38.38
CA ASN A 461 -24.47 21.86 38.29
C ASN A 461 -23.18 22.42 37.69
N LEU A 462 -22.28 21.54 37.26
CA LEU A 462 -21.07 21.96 36.58
C LEU A 462 -21.30 22.06 35.08
N SER A 463 -20.30 22.55 34.35
CA SER A 463 -20.42 22.73 32.91
C SER A 463 -19.57 21.73 32.16
N LYS A 464 -19.93 21.48 30.91
CA LYS A 464 -19.24 20.46 30.11
C LYS A 464 -17.73 20.44 30.30
N VAL A 465 -17.08 21.60 30.26
CA VAL A 465 -15.62 21.60 30.42
C VAL A 465 -15.18 21.35 31.85
N GLU A 466 -15.86 21.97 32.82
CA GLU A 466 -15.50 21.84 34.25
C GLU A 466 -15.69 20.43 34.79
N ARG A 467 -16.65 19.72 34.24
CA ARG A 467 -17.05 18.45 34.81
C ARG A 467 -16.25 17.28 34.25
N ALA A 468 -15.69 17.45 33.07
CA ALA A 468 -14.84 16.44 32.48
C ALA A 468 -13.88 15.82 33.48
N ASN A 469 -13.10 16.66 34.17
CA ASN A 469 -12.12 16.16 35.11
C ASN A 469 -12.48 16.40 36.56
N ALA A 470 -13.77 16.62 36.80
CA ALA A 470 -14.30 16.95 38.11
C ALA A 470 -13.82 16.05 39.26
N CYS A 471 -14.31 14.81 39.29
CA CYS A 471 -14.12 13.94 40.45
C CYS A 471 -12.68 13.53 40.62
N ASN A 472 -11.99 13.33 39.50
CA ASN A 472 -10.54 13.16 39.51
C ASN A 472 -9.88 14.17 40.43
N SER A 473 -10.22 15.44 40.22
CA SER A 473 -9.73 16.58 41.02
C SER A 473 -9.90 16.35 42.52
N VAL A 474 -11.13 16.11 42.91
CA VAL A 474 -11.45 15.85 44.28
C VAL A 474 -10.50 14.83 44.87
N ILE A 475 -10.03 13.90 44.04
CA ILE A 475 -9.21 12.83 44.55
C ILE A 475 -7.79 13.29 44.59
N ARG A 476 -7.41 14.18 43.69
CA ARG A 476 -6.09 14.76 43.72
C ARG A 476 -5.94 15.70 44.92
N GLN A 477 -7.06 16.07 45.52
CA GLN A 477 -7.05 16.80 46.81
C GLN A 477 -6.68 15.87 47.95
N LEU A 478 -7.16 14.65 47.88
CA LEU A 478 -6.94 13.68 48.93
C LEU A 478 -5.49 13.27 49.08
N MET A 479 -4.85 12.89 47.99
CA MET A 479 -3.45 12.47 48.03
C MET A 479 -2.58 13.38 47.17
N LYS A 480 -1.31 13.48 47.53
CA LYS A 480 -0.37 14.33 46.82
C LYS A 480 0.66 13.44 46.16
N LYS A 481 0.84 13.61 44.87
CA LYS A 481 1.70 12.71 44.12
C LYS A 481 3.13 13.22 44.09
N GLU A 482 3.98 12.60 44.90
CA GLU A 482 5.37 12.98 44.98
C GLU A 482 6.10 12.65 43.69
N PHE A 483 6.56 11.41 43.55
CA PHE A 483 7.15 10.97 42.30
C PHE A 483 6.39 9.83 41.66
N THR A 484 6.86 9.33 40.53
CA THR A 484 6.20 8.20 39.89
C THR A 484 7.11 7.32 39.04
N LEU A 485 6.86 6.03 39.09
CA LEU A 485 7.72 5.06 38.46
C LEU A 485 7.08 4.59 37.17
N GLU A 486 7.63 4.99 36.05
CA GLU A 486 7.00 4.77 34.77
C GLU A 486 6.85 3.30 34.44
N PHE A 487 5.99 3.02 33.45
CA PHE A 487 5.79 1.68 32.92
C PHE A 487 7.08 1.13 32.34
N SER A 488 7.21 -0.19 32.27
CA SER A 488 8.30 -0.80 31.50
C SER A 488 7.87 -2.20 31.10
N ARG A 489 7.98 -2.53 29.81
CA ARG A 489 7.56 -3.84 29.30
C ARG A 489 8.07 -4.89 30.27
N ASP A 490 9.14 -4.49 30.94
CA ASP A 490 9.95 -5.38 31.72
C ASP A 490 9.18 -5.92 32.92
N ARG A 491 8.64 -5.05 33.77
CA ARG A 491 7.84 -5.47 34.92
C ARG A 491 6.33 -5.29 34.69
N LYS A 492 5.98 -4.67 33.56
CA LYS A 492 4.60 -4.62 33.12
C LYS A 492 3.66 -3.83 34.04
N SER A 493 4.12 -2.78 34.72
CA SER A 493 3.26 -2.08 35.67
C SER A 493 3.76 -0.67 35.81
N MET A 494 3.12 0.11 36.68
CA MET A 494 3.61 1.45 36.99
C MET A 494 2.96 1.92 38.28
N SER A 495 3.62 2.83 39.00
CA SER A 495 3.17 3.19 40.34
C SER A 495 3.58 4.60 40.69
N VAL A 496 2.78 5.26 41.53
CA VAL A 496 3.03 6.64 41.87
C VAL A 496 3.12 6.66 43.36
N TYR A 497 3.98 7.52 43.89
CA TYR A 497 4.14 7.65 45.32
C TYR A 497 3.26 8.80 45.79
N CYS A 498 2.48 8.56 46.82
CA CYS A 498 1.52 9.57 47.26
C CYS A 498 1.54 9.75 48.74
N SER A 499 1.41 11.01 49.14
CA SER A 499 1.29 11.38 50.53
C SER A 499 -0.03 12.11 50.72
N PRO A 500 -0.59 12.08 51.93
CA PRO A 500 -1.84 12.75 52.26
C PRO A 500 -1.64 14.26 52.39
N ALA A 501 -2.72 15.05 52.41
CA ALA A 501 -2.60 16.51 52.36
C ALA A 501 -3.20 17.26 53.57
N LYS A 502 -4.52 17.30 53.63
CA LYS A 502 -5.27 18.07 54.64
C LYS A 502 -5.87 17.14 55.73
N SER A 503 -6.76 17.67 56.58
CA SER A 503 -7.28 16.96 57.76
C SER A 503 -7.98 15.59 57.49
N SER A 504 -7.23 14.63 56.98
CA SER A 504 -7.80 13.46 56.31
C SER A 504 -7.97 12.29 57.28
N ARG A 505 -7.54 11.11 56.85
CA ARG A 505 -7.44 9.99 57.77
C ARG A 505 -6.15 9.21 57.57
N ALA A 506 -5.80 8.95 56.31
CA ALA A 506 -4.51 8.36 56.06
C ALA A 506 -3.55 9.01 57.03
N ALA A 507 -2.44 8.35 57.30
CA ALA A 507 -1.49 8.83 58.29
C ALA A 507 -0.45 7.74 58.46
N VAL A 508 0.33 7.84 59.53
CA VAL A 508 1.30 6.79 59.82
C VAL A 508 2.27 6.64 58.65
N GLY A 509 1.86 7.17 57.50
CA GLY A 509 2.70 7.11 56.32
C GLY A 509 1.91 7.23 55.03
N ASN A 510 2.62 7.02 53.93
CA ASN A 510 2.02 7.19 52.64
C ASN A 510 1.98 5.85 51.94
N LYS A 511 1.55 5.88 50.67
CA LYS A 511 1.30 4.67 49.95
C LYS A 511 1.77 4.81 48.54
N MET A 512 2.17 3.67 47.98
CA MET A 512 2.35 3.50 46.55
C MET A 512 1.10 2.89 45.93
N PHE A 513 0.73 3.37 44.75
CA PHE A 513 -0.47 2.93 44.07
C PHE A 513 -0.03 2.32 42.77
N VAL A 514 -0.06 0.99 42.70
CA VAL A 514 0.41 0.27 41.52
C VAL A 514 -0.75 -0.07 40.63
N LYS A 515 -0.49 -0.06 39.33
CA LYS A 515 -1.49 -0.34 38.33
C LYS A 515 -0.80 -0.91 37.12
N GLY A 516 -0.98 -2.19 36.83
CA GLY A 516 -0.30 -2.80 35.68
C GLY A 516 -1.04 -4.02 35.17
N ALA A 517 -0.36 -4.87 34.42
CA ALA A 517 -1.00 -6.12 33.97
C ALA A 517 -1.20 -6.99 35.16
N PRO A 518 -2.14 -7.94 35.05
CA PRO A 518 -2.48 -8.85 36.16
C PRO A 518 -1.27 -9.66 36.61
N GLU A 519 -1.40 -10.96 36.79
CA GLU A 519 -0.25 -11.80 37.21
C GLU A 519 0.91 -10.94 37.68
N GLY A 520 1.46 -10.13 36.76
CA GLY A 520 2.53 -9.19 37.10
C GLY A 520 2.28 -8.51 38.46
N VAL A 521 1.10 -7.91 38.56
CA VAL A 521 0.75 -7.15 39.72
C VAL A 521 0.29 -8.11 40.80
N ILE A 522 -0.41 -9.16 40.39
CA ILE A 522 -0.96 -10.10 41.35
C ILE A 522 0.10 -10.99 41.97
N ASP A 523 1.00 -11.49 41.14
CA ASP A 523 2.13 -12.23 41.66
C ASP A 523 2.94 -11.42 42.65
N ARG A 524 2.68 -10.11 42.74
CA ARG A 524 3.39 -9.25 43.69
C ARG A 524 2.59 -8.74 44.89
N CYS A 525 1.40 -9.31 45.10
CA CYS A 525 0.60 -8.97 46.28
C CYS A 525 0.65 -10.10 47.30
N ASN A 526 1.02 -9.78 48.54
CA ASN A 526 0.88 -10.74 49.62
C ASN A 526 -0.43 -10.54 50.37
N TYR A 527 -1.03 -9.37 50.18
CA TYR A 527 -2.28 -9.06 50.85
C TYR A 527 -3.37 -8.73 49.85
N VAL A 528 -4.59 -9.02 50.26
CA VAL A 528 -5.79 -8.74 49.51
C VAL A 528 -6.61 -7.76 50.32
N ARG A 529 -7.11 -6.70 49.70
CA ARG A 529 -8.02 -5.81 50.43
C ARG A 529 -9.46 -6.29 50.37
N VAL A 530 -10.06 -6.57 51.52
CA VAL A 530 -11.50 -6.89 51.54
C VAL A 530 -12.16 -5.82 52.34
N GLY A 531 -12.87 -4.92 51.67
CA GLY A 531 -13.48 -3.77 52.34
C GLY A 531 -12.45 -2.69 52.61
N THR A 532 -12.37 -2.24 53.87
CA THR A 532 -11.22 -1.44 54.26
C THR A 532 -10.27 -2.23 55.11
N THR A 533 -10.53 -3.52 55.27
CA THR A 533 -9.60 -4.36 56.00
C THR A 533 -8.57 -4.93 55.04
N ARG A 534 -7.80 -5.90 55.52
CA ARG A 534 -6.77 -6.53 54.72
C ARG A 534 -6.45 -7.90 55.30
N VAL A 535 -6.15 -8.84 54.41
CA VAL A 535 -6.00 -10.24 54.76
C VAL A 535 -5.01 -10.86 53.79
N PRO A 536 -4.30 -11.91 54.23
CA PRO A 536 -3.19 -12.39 53.40
C PRO A 536 -3.66 -13.11 52.12
N MET A 537 -2.99 -12.85 51.00
CA MET A 537 -3.29 -13.53 49.74
C MET A 537 -3.08 -15.05 49.80
N THR A 538 -4.13 -15.80 49.46
CA THR A 538 -4.09 -17.27 49.46
C THR A 538 -4.27 -17.85 48.07
N GLY A 539 -3.89 -19.12 47.89
CA GLY A 539 -4.19 -19.83 46.64
C GLY A 539 -5.60 -19.57 46.13
N PRO A 540 -6.59 -20.05 46.87
CA PRO A 540 -8.00 -19.95 46.51
C PRO A 540 -8.44 -18.53 46.12
N VAL A 541 -7.87 -17.53 46.78
CA VAL A 541 -8.18 -16.16 46.43
C VAL A 541 -7.56 -15.84 45.08
N LYS A 542 -6.27 -16.14 44.93
CA LYS A 542 -5.58 -15.88 43.69
C LYS A 542 -6.29 -16.59 42.55
N GLU A 543 -6.74 -17.81 42.79
CA GLU A 543 -7.24 -18.61 41.69
C GLU A 543 -8.53 -18.04 41.17
N LYS A 544 -9.43 -17.60 42.06
CA LYS A 544 -10.61 -16.77 41.70
C LYS A 544 -10.23 -15.62 40.80
N ILE A 545 -9.51 -14.67 41.39
CA ILE A 545 -9.10 -13.46 40.69
C ILE A 545 -8.62 -13.78 39.29
N LEU A 546 -7.84 -14.82 39.12
CA LEU A 546 -7.29 -15.13 37.81
C LEU A 546 -8.32 -15.74 36.87
N SER A 547 -9.08 -16.67 37.42
CA SER A 547 -10.16 -17.31 36.71
C SER A 547 -11.08 -16.27 36.10
N VAL A 548 -11.26 -15.12 36.74
CA VAL A 548 -12.20 -14.15 36.19
C VAL A 548 -11.54 -13.28 35.17
N ILE A 549 -10.32 -12.87 35.45
CA ILE A 549 -9.57 -12.09 34.49
C ILE A 549 -9.43 -12.90 33.21
N LYS A 550 -9.29 -14.22 33.36
CA LYS A 550 -9.17 -15.06 32.18
C LYS A 550 -10.50 -15.05 31.45
N GLU A 551 -11.58 -15.23 32.19
CA GLU A 551 -12.91 -15.26 31.61
C GLU A 551 -13.21 -13.97 30.86
N TRP A 552 -12.97 -12.83 31.50
CA TRP A 552 -13.23 -11.53 30.90
C TRP A 552 -12.40 -11.29 29.65
N GLY A 553 -11.15 -11.71 29.70
CA GLY A 553 -10.19 -11.30 28.68
C GLY A 553 -10.35 -12.16 27.46
N THR A 554 -10.68 -13.41 27.72
CA THR A 554 -10.61 -14.41 26.71
C THR A 554 -12.05 -14.77 26.33
N GLY A 555 -12.99 -14.02 26.90
CA GLY A 555 -14.41 -14.29 26.73
C GLY A 555 -14.92 -13.71 25.44
N ARG A 556 -16.22 -13.53 25.32
CA ARG A 556 -16.75 -12.90 24.12
C ARG A 556 -16.82 -11.40 24.35
N ASP A 557 -16.25 -10.97 25.47
CA ASP A 557 -16.18 -9.56 25.80
C ASP A 557 -14.86 -9.02 25.32
N THR A 558 -13.86 -9.90 25.30
CA THR A 558 -12.52 -9.57 24.81
C THR A 558 -11.94 -8.34 25.49
N LEU A 559 -11.95 -8.35 26.82
CA LEU A 559 -11.63 -7.18 27.63
C LEU A 559 -10.15 -7.14 27.92
N ARG A 560 -9.57 -5.96 28.06
CA ARG A 560 -8.18 -5.93 28.50
C ARG A 560 -8.16 -5.45 29.95
N CYS A 561 -7.49 -6.19 30.85
CA CYS A 561 -7.64 -5.93 32.28
C CYS A 561 -6.46 -5.28 32.92
N LEU A 562 -6.71 -4.51 33.97
CA LEU A 562 -5.64 -3.99 34.82
C LEU A 562 -5.81 -4.43 36.28
N ALA A 563 -4.72 -4.85 36.92
CA ALA A 563 -4.77 -5.09 38.34
C ALA A 563 -4.41 -3.79 38.97
N LEU A 564 -5.08 -3.49 40.09
CA LEU A 564 -4.83 -2.27 40.83
C LEU A 564 -4.55 -2.69 42.25
N ALA A 565 -3.37 -2.35 42.72
CA ALA A 565 -2.96 -2.74 44.05
C ALA A 565 -2.28 -1.54 44.73
N THR A 566 -2.12 -1.61 46.04
CA THR A 566 -1.34 -0.60 46.74
C THR A 566 -0.30 -1.20 47.67
N ARG A 567 0.83 -0.50 47.79
CA ARG A 567 1.82 -0.85 48.79
C ARG A 567 1.44 -0.06 50.01
N ASP A 568 0.90 -0.73 51.00
CA ASP A 568 0.35 0.00 52.13
C ASP A 568 1.43 0.68 52.94
N THR A 569 2.55 -0.03 53.13
CA THR A 569 3.68 0.51 53.87
C THR A 569 4.89 0.57 52.98
N PRO A 570 5.09 1.70 52.31
CA PRO A 570 6.12 1.80 51.30
C PRO A 570 7.50 2.01 51.91
N PRO A 571 8.57 1.72 51.15
CA PRO A 571 9.94 2.02 51.62
C PRO A 571 10.11 3.50 51.94
N LYS A 572 11.14 3.83 52.71
CA LYS A 572 11.36 5.23 53.11
C LYS A 572 11.70 6.02 51.88
N ARG A 573 11.25 7.28 51.82
CA ARG A 573 11.47 8.12 50.65
C ARG A 573 12.93 8.09 50.23
N GLU A 574 13.83 8.12 51.20
CA GLU A 574 15.25 8.02 50.93
C GLU A 574 15.73 6.58 51.08
N GLU A 575 15.27 5.73 50.19
CA GLU A 575 15.70 4.34 50.20
C GLU A 575 15.61 3.81 48.78
N MET A 576 14.89 4.55 47.95
CA MET A 576 14.66 4.15 46.58
C MET A 576 15.54 4.95 45.65
N VAL A 577 16.29 4.25 44.81
CA VAL A 577 17.10 4.90 43.81
C VAL A 577 16.23 5.20 42.62
N LEU A 578 15.65 6.39 42.59
CA LEU A 578 14.71 6.77 41.53
C LEU A 578 15.30 6.86 40.11
N ASP A 579 16.62 6.75 39.95
CA ASP A 579 17.21 6.75 38.60
C ASP A 579 17.41 5.33 38.08
N ASP A 580 17.11 4.36 38.93
CA ASP A 580 17.46 2.98 38.62
C ASP A 580 16.23 2.22 38.19
N SER A 581 15.82 2.38 36.95
CA SER A 581 14.56 1.79 36.52
C SER A 581 14.50 0.29 36.86
N SER A 582 15.66 -0.36 36.92
CA SER A 582 15.75 -1.80 37.17
C SER A 582 15.22 -2.18 38.55
N ARG A 583 15.28 -1.22 39.47
CA ARG A 583 14.88 -1.47 40.85
C ARG A 583 13.44 -1.02 41.16
N PHE A 584 12.71 -0.57 40.14
CA PHE A 584 11.32 -0.15 40.31
C PHE A 584 10.41 -1.31 40.71
N MET A 585 10.77 -2.52 40.30
CA MET A 585 9.91 -3.65 40.53
C MET A 585 10.02 -4.12 41.95
N GLU A 586 11.17 -3.91 42.56
CA GLU A 586 11.33 -4.29 43.95
C GLU A 586 10.56 -3.33 44.84
N TYR A 587 10.50 -2.06 44.46
CA TYR A 587 9.75 -1.12 45.29
C TYR A 587 8.26 -1.40 45.15
N GLU A 588 7.87 -2.03 44.04
CA GLU A 588 6.48 -2.33 43.80
C GLU A 588 6.18 -3.75 44.28
N THR A 589 6.61 -4.06 45.49
CA THR A 589 6.45 -5.39 46.04
C THR A 589 5.65 -5.36 47.32
N ASP A 590 5.17 -6.54 47.72
CA ASP A 590 4.47 -6.64 48.98
C ASP A 590 3.25 -5.74 48.89
N LEU A 591 2.56 -5.90 47.77
CA LEU A 591 1.43 -5.07 47.44
C LEU A 591 0.21 -5.69 48.07
N THR A 592 -0.86 -4.89 48.12
CA THR A 592 -2.17 -5.41 48.46
C THR A 592 -3.09 -5.25 47.28
N PHE A 593 -3.58 -6.39 46.79
CA PHE A 593 -4.48 -6.37 45.66
C PHE A 593 -5.76 -5.62 46.06
N VAL A 594 -6.17 -4.66 45.23
CA VAL A 594 -7.42 -3.95 45.50
C VAL A 594 -8.53 -4.46 44.61
N GLY A 595 -8.21 -4.65 43.33
CA GLY A 595 -9.23 -5.01 42.35
C GLY A 595 -8.77 -4.83 40.93
N VAL A 596 -9.66 -5.10 39.99
CA VAL A 596 -9.32 -5.25 38.57
C VAL A 596 -10.35 -4.44 37.77
N VAL A 597 -9.91 -3.66 36.78
CA VAL A 597 -10.89 -3.11 35.84
C VAL A 597 -10.60 -3.74 34.49
N GLY A 598 -11.65 -4.00 33.72
CA GLY A 598 -11.47 -4.43 32.33
C GLY A 598 -12.08 -3.47 31.32
N MET A 599 -11.29 -3.11 30.30
CA MET A 599 -11.81 -2.25 29.24
C MET A 599 -11.88 -2.88 27.86
N LEU A 600 -12.58 -2.17 26.96
CA LEU A 600 -12.75 -2.58 25.58
C LEU A 600 -12.30 -1.51 24.61
N ASP A 601 -11.92 -1.97 23.44
CA ASP A 601 -11.58 -1.10 22.33
C ASP A 601 -12.29 -1.71 21.13
N PRO A 602 -13.55 -1.30 20.95
CA PRO A 602 -14.53 -1.89 20.05
C PRO A 602 -13.98 -2.03 18.64
N PRO A 603 -14.26 -3.17 18.00
CA PRO A 603 -13.93 -3.35 16.58
C PRO A 603 -14.88 -2.50 15.77
N ARG A 604 -14.35 -1.76 14.81
CA ARG A 604 -15.14 -1.02 13.85
C ARG A 604 -16.43 -1.73 13.51
N LYS A 605 -17.55 -1.02 13.59
CA LYS A 605 -18.82 -1.60 13.14
C LYS A 605 -18.67 -2.23 11.76
N GLU A 606 -17.99 -1.53 10.87
CA GLU A 606 -17.71 -2.00 9.52
C GLU A 606 -17.00 -3.35 9.43
N VAL A 607 -15.88 -3.50 10.14
CA VAL A 607 -14.94 -4.63 9.90
C VAL A 607 -15.52 -6.05 9.91
N MET A 608 -16.38 -6.34 10.87
CA MET A 608 -17.06 -7.62 10.92
C MET A 608 -17.43 -8.15 9.52
N GLY A 609 -18.27 -7.40 8.80
CA GLY A 609 -18.68 -7.74 7.44
C GLY A 609 -17.55 -7.77 6.44
N SER A 610 -16.80 -6.68 6.36
CA SER A 610 -15.60 -6.66 5.53
C SER A 610 -14.77 -7.94 5.66
N ILE A 611 -14.61 -8.44 6.89
CA ILE A 611 -13.84 -9.66 7.06
C ILE A 611 -14.51 -10.79 6.27
N GLN A 612 -15.80 -10.98 6.48
CA GLN A 612 -16.55 -11.96 5.71
C GLN A 612 -16.36 -11.80 4.21
N LEU A 613 -16.45 -10.56 3.73
CA LEU A 613 -16.22 -10.26 2.32
C LEU A 613 -14.91 -10.81 1.80
N CYS A 614 -13.89 -10.83 2.64
CA CYS A 614 -12.60 -11.36 2.23
C CYS A 614 -12.59 -12.87 2.27
N ARG A 615 -13.49 -13.44 3.06
CA ARG A 615 -13.60 -14.90 3.16
C ARG A 615 -14.08 -15.40 1.83
N ASP A 616 -15.13 -14.75 1.34
CA ASP A 616 -15.74 -15.09 0.06
C ASP A 616 -14.84 -14.67 -1.11
N ALA A 617 -14.10 -13.59 -0.94
CA ALA A 617 -13.14 -13.17 -1.94
C ALA A 617 -11.90 -14.07 -1.98
N GLY A 618 -11.82 -15.02 -1.05
CA GLY A 618 -10.66 -15.93 -0.98
C GLY A 618 -9.34 -15.32 -0.52
N ILE A 619 -9.38 -14.10 -0.02
CA ILE A 619 -8.18 -13.44 0.46
C ILE A 619 -7.99 -13.55 1.98
N ARG A 620 -6.76 -13.83 2.44
CA ARG A 620 -6.51 -14.09 3.84
C ARG A 620 -6.32 -12.82 4.64
N VAL A 621 -6.91 -12.77 5.82
CA VAL A 621 -6.62 -11.65 6.70
C VAL A 621 -5.78 -12.12 7.88
N ILE A 622 -4.67 -11.42 8.15
CA ILE A 622 -3.88 -11.63 9.34
C ILE A 622 -3.95 -10.38 10.21
N MET A 623 -4.19 -10.56 11.50
CA MET A 623 -4.35 -9.44 12.42
C MET A 623 -3.13 -9.44 13.33
N ILE A 624 -2.30 -8.40 13.20
CA ILE A 624 -1.16 -8.23 14.10
C ILE A 624 -1.63 -7.42 15.29
N THR A 625 -1.07 -7.65 16.47
CA THR A 625 -1.62 -6.99 17.65
C THR A 625 -0.73 -6.98 18.87
N GLY A 626 -1.26 -6.50 19.97
CA GLY A 626 -0.38 -6.24 21.09
C GLY A 626 -1.04 -6.80 22.30
N ASP A 627 -2.29 -7.23 22.13
CA ASP A 627 -2.99 -8.01 23.14
C ASP A 627 -2.22 -9.29 23.44
N ASN A 628 -2.46 -9.85 24.60
CA ASN A 628 -1.94 -11.15 24.89
C ASN A 628 -2.60 -12.22 24.01
N LYS A 629 -1.87 -13.29 23.74
CA LYS A 629 -2.26 -14.25 22.73
C LYS A 629 -3.69 -14.66 22.97
N GLY A 630 -4.04 -14.87 24.24
CA GLY A 630 -5.39 -15.26 24.62
C GLY A 630 -6.45 -14.29 24.09
N THR A 631 -6.41 -13.07 24.58
CA THR A 631 -7.28 -12.04 24.09
C THR A 631 -7.08 -11.79 22.60
N ALA A 632 -5.89 -12.05 22.07
CA ALA A 632 -5.69 -11.76 20.64
C ALA A 632 -6.66 -12.63 19.87
N ILE A 633 -6.54 -13.93 20.08
CA ILE A 633 -7.46 -14.89 19.50
C ILE A 633 -8.94 -14.53 19.75
N ALA A 634 -9.27 -14.09 20.95
CA ALA A 634 -10.70 -13.87 21.24
C ALA A 634 -11.25 -12.72 20.41
N ILE A 635 -10.43 -11.70 20.15
CA ILE A 635 -10.84 -10.60 19.30
C ILE A 635 -11.00 -11.09 17.87
N CYS A 636 -10.12 -11.99 17.47
CA CYS A 636 -10.23 -12.62 16.16
C CYS A 636 -11.55 -13.27 15.92
N ARG A 637 -12.05 -14.02 16.89
CA ARG A 637 -13.37 -14.62 16.74
C ARG A 637 -14.45 -13.57 16.57
N ARG A 638 -14.41 -12.59 17.46
CA ARG A 638 -15.38 -11.56 17.50
C ARG A 638 -15.47 -10.80 16.19
N ILE A 639 -14.36 -10.61 15.49
CA ILE A 639 -14.43 -10.00 14.16
C ILE A 639 -14.50 -11.06 13.06
N GLY A 640 -14.55 -12.32 13.46
CA GLY A 640 -14.77 -13.41 12.53
C GLY A 640 -13.57 -13.84 11.71
N ILE A 641 -12.37 -13.55 12.18
CA ILE A 641 -11.18 -14.13 11.60
C ILE A 641 -11.23 -15.65 11.79
N PHE A 642 -11.68 -16.09 12.97
CA PHE A 642 -11.97 -17.50 13.21
C PHE A 642 -13.45 -17.67 13.51
N GLY A 643 -13.94 -18.88 13.29
CA GLY A 643 -15.26 -19.27 13.71
C GLY A 643 -15.37 -19.25 15.22
N GLU A 644 -16.60 -19.16 15.71
CA GLU A 644 -16.84 -18.99 17.12
C GLU A 644 -16.39 -20.18 17.97
N ASN A 645 -16.12 -21.32 17.33
CA ASN A 645 -15.72 -22.54 18.07
C ASN A 645 -14.46 -23.26 17.62
N GLU A 646 -13.84 -22.78 16.54
CA GLU A 646 -12.93 -23.65 15.80
C GLU A 646 -11.50 -23.65 16.28
N GLU A 647 -10.76 -24.63 15.80
CA GLU A 647 -9.37 -24.82 16.13
C GLU A 647 -8.47 -23.70 15.62
N VAL A 648 -7.38 -23.46 16.31
CA VAL A 648 -6.58 -22.29 16.05
C VAL A 648 -5.19 -22.51 16.62
N ALA A 649 -4.97 -23.74 17.10
CA ALA A 649 -3.77 -24.06 17.86
C ALA A 649 -2.52 -23.51 17.18
N ASP A 650 -2.32 -23.93 15.93
CA ASP A 650 -1.15 -23.57 15.16
C ASP A 650 -1.46 -22.45 14.18
N ARG A 651 -2.28 -21.48 14.58
CA ARG A 651 -2.77 -20.48 13.65
C ARG A 651 -2.55 -19.10 14.21
N ALA A 652 -2.43 -19.01 15.52
CA ALA A 652 -2.03 -17.77 16.15
C ALA A 652 -0.72 -17.98 16.88
N TYR A 653 0.18 -17.00 16.75
CA TYR A 653 1.48 -17.03 17.40
C TYR A 653 1.77 -15.75 18.16
N THR A 654 2.72 -15.82 19.08
CA THR A 654 3.19 -14.60 19.68
C THR A 654 4.57 -14.30 19.24
N GLY A 655 5.00 -13.08 19.52
CA GLY A 655 6.35 -12.67 19.25
C GLY A 655 7.37 -13.70 19.70
N ARG A 656 7.37 -14.05 20.98
CA ARG A 656 8.38 -14.98 21.42
C ARG A 656 8.17 -16.34 20.83
N GLU A 657 6.93 -16.79 20.68
CA GLU A 657 6.68 -18.14 20.13
C GLU A 657 7.33 -18.23 18.77
N PHE A 658 7.05 -17.22 17.96
CA PHE A 658 7.46 -17.23 16.60
C PHE A 658 8.96 -17.25 16.50
N ASP A 659 9.65 -16.58 17.42
CA ASP A 659 11.12 -16.52 17.41
C ASP A 659 11.75 -17.84 17.83
N ASP A 660 11.00 -18.65 18.54
CA ASP A 660 11.51 -19.88 19.03
C ASP A 660 11.46 -20.98 17.99
N LEU A 661 10.95 -20.67 16.81
CA LEU A 661 10.91 -21.69 15.78
C LEU A 661 12.04 -21.46 14.82
N PRO A 662 12.66 -22.55 14.36
CA PRO A 662 13.66 -22.48 13.30
C PRO A 662 13.01 -22.06 12.00
N LEU A 663 13.78 -21.45 11.10
CA LEU A 663 13.19 -20.76 9.96
C LEU A 663 12.15 -21.58 9.18
N ALA A 664 12.49 -22.83 8.87
CA ALA A 664 11.58 -23.68 8.14
C ALA A 664 10.14 -23.65 8.67
N GLU A 665 9.97 -23.65 10.00
CA GLU A 665 8.62 -23.71 10.55
C GLU A 665 8.09 -22.33 10.83
N GLN A 666 8.95 -21.35 10.84
CA GLN A 666 8.46 -20.00 10.75
C GLN A 666 7.83 -19.83 9.39
N ARG A 667 8.59 -20.16 8.35
CA ARG A 667 8.10 -20.04 6.99
C ARG A 667 6.78 -20.78 6.87
N GLU A 668 6.76 -22.01 7.36
CA GLU A 668 5.53 -22.78 7.39
C GLU A 668 4.39 -22.04 8.11
N ALA A 669 4.67 -21.49 9.29
CA ALA A 669 3.62 -20.94 10.16
C ALA A 669 2.89 -19.80 9.49
N CYS A 670 3.49 -19.27 8.42
CA CYS A 670 2.98 -18.09 7.74
C CYS A 670 1.84 -18.30 6.75
N ARG A 671 1.73 -19.50 6.20
CA ARG A 671 0.65 -19.73 5.27
C ARG A 671 -0.61 -20.17 5.99
N ARG A 672 -0.45 -20.56 7.25
CA ARG A 672 -1.63 -20.94 8.04
C ARG A 672 -1.97 -19.95 9.14
N ALA A 673 -1.07 -18.97 9.33
CA ALA A 673 -1.17 -18.02 10.42
C ALA A 673 -2.22 -16.96 10.13
N CYS A 674 -2.87 -16.47 11.18
CA CYS A 674 -3.92 -15.49 11.03
C CYS A 674 -3.84 -14.37 12.02
N CYS A 675 -2.98 -14.55 13.01
CA CYS A 675 -3.03 -13.73 14.18
C CYS A 675 -1.67 -13.73 14.86
N PHE A 676 -1.08 -12.55 15.01
CA PHE A 676 0.14 -12.44 15.77
C PHE A 676 -0.02 -11.50 16.94
N ALA A 677 0.33 -11.98 18.13
CA ALA A 677 0.18 -11.18 19.31
C ALA A 677 1.56 -10.76 19.71
N ARG A 678 1.71 -9.51 20.11
CA ARG A 678 2.90 -9.07 20.82
C ARG A 678 4.08 -9.37 19.98
N VAL A 679 4.28 -8.55 18.98
CA VAL A 679 5.27 -8.87 17.98
C VAL A 679 6.29 -7.73 17.96
N GLU A 680 7.44 -7.95 17.33
CA GLU A 680 8.35 -6.84 17.10
C GLU A 680 8.13 -6.23 15.71
N PRO A 681 8.45 -4.94 15.52
CA PRO A 681 8.32 -4.47 14.14
C PRO A 681 9.23 -5.29 13.21
N SER A 682 10.39 -5.68 13.74
CA SER A 682 11.24 -6.68 13.09
C SER A 682 10.49 -7.81 12.39
N HIS A 683 9.42 -8.32 13.00
CA HIS A 683 8.70 -9.45 12.45
C HIS A 683 7.90 -9.14 11.17
N LYS A 684 7.26 -7.98 11.15
CA LYS A 684 6.54 -7.55 9.97
C LYS A 684 7.33 -7.80 8.69
N SER A 685 8.62 -7.48 8.68
CA SER A 685 9.43 -7.83 7.52
C SER A 685 9.52 -9.32 7.32
N LYS A 686 9.84 -10.05 8.37
CA LYS A 686 10.00 -11.47 8.20
C LYS A 686 8.72 -12.10 7.69
N ILE A 687 7.58 -11.65 8.17
CA ILE A 687 6.31 -12.18 7.69
C ILE A 687 6.04 -11.84 6.21
N VAL A 688 6.27 -10.61 5.80
CA VAL A 688 6.06 -10.31 4.39
C VAL A 688 6.93 -11.27 3.56
N GLU A 689 8.22 -11.26 3.82
CA GLU A 689 9.13 -12.18 3.17
C GLU A 689 8.52 -13.57 3.04
N TYR A 690 8.13 -14.16 4.16
CA TYR A 690 7.69 -15.53 4.12
C TYR A 690 6.49 -15.69 3.21
N LEU A 691 5.57 -14.75 3.26
CA LEU A 691 4.34 -14.81 2.46
C LEU A 691 4.64 -14.84 0.96
N GLN A 692 5.75 -14.21 0.60
CA GLN A 692 6.16 -14.10 -0.78
C GLN A 692 6.83 -15.38 -1.21
N SER A 693 7.59 -16.00 -0.32
CA SER A 693 8.12 -17.32 -0.60
C SER A 693 6.96 -18.26 -0.94
N TYR A 694 5.75 -17.74 -0.91
CA TYR A 694 4.56 -18.50 -1.31
C TYR A 694 3.82 -17.81 -2.44
N ASP A 695 4.53 -16.92 -3.14
CA ASP A 695 3.93 -16.09 -4.18
C ASP A 695 2.57 -15.57 -3.82
N GLU A 696 2.45 -15.11 -2.58
CA GLU A 696 1.30 -14.32 -2.20
C GLU A 696 1.53 -12.82 -2.37
N ILE A 697 0.54 -12.14 -2.93
CA ILE A 697 0.58 -10.68 -2.98
C ILE A 697 0.03 -10.12 -1.69
N THR A 698 0.84 -9.32 -0.98
CA THR A 698 0.60 -8.99 0.41
C THR A 698 0.35 -7.51 0.67
N ALA A 699 -0.82 -7.21 1.19
CA ALA A 699 -1.11 -5.91 1.74
C ALA A 699 -0.70 -5.98 3.19
N MET A 700 -0.14 -4.89 3.70
CA MET A 700 0.44 -4.89 5.02
C MET A 700 0.32 -3.48 5.56
N THR A 701 -0.33 -3.32 6.71
CA THR A 701 -0.41 -2.01 7.34
C THR A 701 0.75 -1.83 8.31
N GLY A 702 1.07 -0.58 8.60
CA GLY A 702 2.01 -0.28 9.64
C GLY A 702 2.28 1.21 9.64
N ASP A 703 2.75 1.77 10.76
CA ASP A 703 3.30 3.13 10.68
C ASP A 703 4.50 3.35 11.58
N GLY A 704 5.11 4.54 11.47
CA GLY A 704 6.46 4.77 11.99
C GLY A 704 7.59 4.21 11.13
N VAL A 705 8.68 4.94 11.02
CA VAL A 705 9.81 4.42 10.29
C VAL A 705 10.15 2.98 10.70
N ASN A 706 9.82 2.59 11.91
CA ASN A 706 9.98 1.17 12.28
C ASN A 706 9.33 0.26 11.25
N ASP A 707 8.13 0.61 10.79
CA ASP A 707 7.41 -0.26 9.84
C ASP A 707 7.65 0.09 8.37
N ALA A 708 8.50 1.09 8.11
CA ALA A 708 8.80 1.50 6.76
C ALA A 708 9.39 0.34 5.97
N PRO A 709 10.32 -0.40 6.57
CA PRO A 709 10.98 -1.50 5.85
C PRO A 709 10.00 -2.54 5.33
N ALA A 710 8.90 -2.77 6.02
CA ALA A 710 7.98 -3.78 5.58
C ALA A 710 6.89 -3.21 4.69
N LEU A 711 6.59 -1.93 4.84
CA LEU A 711 5.70 -1.31 3.89
C LEU A 711 6.39 -1.20 2.53
N LYS A 712 7.73 -1.28 2.53
CA LYS A 712 8.44 -1.30 1.27
C LYS A 712 8.35 -2.69 0.67
N LYS A 713 8.74 -3.69 1.44
CA LYS A 713 8.74 -5.09 1.01
C LYS A 713 7.38 -5.59 0.55
N ALA A 714 6.32 -5.11 1.20
CA ALA A 714 5.00 -5.59 0.85
C ALA A 714 4.58 -5.04 -0.51
N GLU A 715 4.13 -5.91 -1.39
CA GLU A 715 3.51 -5.48 -2.65
C GLU A 715 2.58 -4.27 -2.43
N ILE A 716 1.81 -4.29 -1.35
CA ILE A 716 1.03 -3.12 -0.99
C ILE A 716 1.25 -2.71 0.46
N GLY A 717 2.16 -1.76 0.65
CA GLY A 717 2.23 -1.04 1.92
C GLY A 717 1.02 -0.18 2.11
N ILE A 718 0.49 -0.14 3.31
CA ILE A 718 -0.67 0.67 3.60
C ILE A 718 -0.40 1.52 4.84
N ALA A 719 -0.34 2.84 4.67
CA ALA A 719 -0.13 3.75 5.78
C ALA A 719 -1.49 4.21 6.32
N MET A 720 -1.51 5.05 7.34
CA MET A 720 -2.78 5.64 7.75
C MET A 720 -2.85 7.15 7.56
N GLY A 721 -4.05 7.67 7.30
CA GLY A 721 -4.25 9.10 7.21
C GLY A 721 -3.55 9.79 8.37
N SER A 722 -3.85 9.30 9.57
CA SER A 722 -3.30 9.85 10.80
C SER A 722 -1.82 9.52 10.97
N GLY A 723 -1.29 8.72 10.08
CA GLY A 723 0.07 8.19 10.20
C GLY A 723 1.16 9.24 10.17
N THR A 724 2.38 8.80 10.46
CA THR A 724 3.57 9.65 10.37
C THR A 724 3.89 9.99 8.91
N ALA A 725 4.63 11.06 8.69
CA ALA A 725 5.09 11.41 7.35
C ALA A 725 5.78 10.25 6.66
N VAL A 726 6.90 9.80 7.23
CA VAL A 726 7.70 8.77 6.59
C VAL A 726 6.91 7.49 6.27
N ALA A 727 6.08 7.05 7.20
CA ALA A 727 5.31 5.85 6.93
C ALA A 727 4.54 5.99 5.62
N LYS A 728 3.89 7.13 5.44
CA LYS A 728 3.11 7.36 4.21
C LYS A 728 3.99 7.22 2.97
N THR A 729 5.13 7.88 2.99
CA THR A 729 6.02 7.77 1.86
C THR A 729 6.44 6.32 1.61
N ALA A 730 6.44 5.48 2.65
CA ALA A 730 6.86 4.10 2.47
C ALA A 730 5.78 3.23 1.85
N SER A 731 4.55 3.71 1.83
CA SER A 731 3.43 2.88 1.40
C SER A 731 3.07 3.16 -0.05
N GLU A 732 2.17 2.35 -0.60
CA GLU A 732 1.61 2.63 -1.92
C GLU A 732 0.18 3.07 -1.77
N MET A 733 -0.42 2.78 -0.62
CA MET A 733 -1.79 3.21 -0.37
C MET A 733 -1.96 3.76 1.04
N VAL A 734 -2.83 4.76 1.18
CA VAL A 734 -2.99 5.43 2.45
C VAL A 734 -4.47 5.49 2.76
N LEU A 735 -4.85 4.98 3.92
CA LEU A 735 -6.25 5.03 4.33
C LEU A 735 -6.52 6.38 4.97
N ALA A 736 -7.24 7.24 4.26
CA ALA A 736 -7.51 8.58 4.77
C ALA A 736 -8.26 8.54 6.10
N ASP A 737 -9.01 7.47 6.34
CA ASP A 737 -9.83 7.39 7.52
C ASP A 737 -9.39 6.26 8.44
N ASP A 738 -8.32 5.56 8.04
CA ASP A 738 -7.68 4.55 8.89
C ASP A 738 -8.44 3.24 8.91
N ASN A 739 -9.68 3.27 8.43
CA ASN A 739 -10.56 2.09 8.45
C ASN A 739 -10.02 0.86 7.70
N PHE A 740 -10.17 -0.31 8.28
CA PHE A 740 -9.67 -1.51 7.65
C PHE A 740 -10.51 -1.85 6.44
N SER A 741 -11.78 -1.51 6.51
CA SER A 741 -12.66 -1.88 5.42
C SER A 741 -12.35 -1.02 4.17
N THR A 742 -11.72 0.13 4.36
CA THR A 742 -11.27 0.95 3.25
C THR A 742 -10.28 0.16 2.39
N ILE A 743 -9.49 -0.70 3.03
CA ILE A 743 -8.59 -1.60 2.29
C ILE A 743 -9.44 -2.54 1.46
N VAL A 744 -10.33 -3.27 2.13
CA VAL A 744 -11.15 -4.27 1.46
C VAL A 744 -11.85 -3.67 0.27
N ALA A 745 -12.47 -2.50 0.44
CA ALA A 745 -13.09 -1.82 -0.69
C ALA A 745 -12.09 -1.62 -1.83
N ALA A 746 -10.97 -0.97 -1.54
CA ALA A 746 -9.96 -0.71 -2.56
C ALA A 746 -9.48 -1.97 -3.27
N VAL A 747 -9.48 -3.11 -2.59
CA VAL A 747 -9.02 -4.33 -3.22
C VAL A 747 -10.04 -4.82 -4.24
N GLU A 748 -11.30 -4.50 -3.98
CA GLU A 748 -12.38 -4.88 -4.88
C GLU A 748 -12.44 -3.99 -6.11
N GLU A 749 -12.37 -2.68 -5.89
CA GLU A 749 -12.16 -1.74 -6.97
C GLU A 749 -11.00 -2.19 -7.85
N GLY A 750 -9.85 -2.42 -7.24
CA GLY A 750 -8.71 -2.90 -8.00
C GLY A 750 -9.00 -4.20 -8.74
N ARG A 751 -9.91 -5.00 -8.16
CA ARG A 751 -10.31 -6.25 -8.79
C ARG A 751 -11.10 -5.95 -10.05
N ALA A 752 -11.93 -4.92 -9.97
CA ALA A 752 -12.78 -4.52 -11.09
C ALA A 752 -11.99 -3.80 -12.20
N ILE A 753 -11.04 -2.97 -11.81
CA ILE A 753 -10.23 -2.21 -12.74
C ILE A 753 -9.31 -3.13 -13.52
N TYR A 754 -8.89 -4.23 -12.92
CA TYR A 754 -8.08 -5.18 -13.65
C TYR A 754 -8.93 -6.01 -14.58
N ASN A 755 -10.14 -6.36 -14.13
CA ASN A 755 -11.06 -7.12 -14.97
C ASN A 755 -11.40 -6.41 -16.28
N ASN A 756 -11.74 -5.13 -16.18
CA ASN A 756 -12.00 -4.28 -17.33
C ASN A 756 -10.77 -4.06 -18.19
N MET A 757 -9.60 -4.12 -17.56
CA MET A 757 -8.36 -3.98 -18.30
C MET A 757 -8.10 -5.21 -19.15
N LYS A 758 -8.31 -6.39 -18.57
CA LYS A 758 -8.17 -7.63 -19.30
C LYS A 758 -8.96 -7.54 -20.59
N GLN A 759 -10.07 -6.81 -20.56
CA GLN A 759 -10.94 -6.69 -21.72
C GLN A 759 -10.31 -5.85 -22.83
N PHE A 760 -10.35 -4.54 -22.67
CA PHE A 760 -9.82 -3.62 -23.67
C PHE A 760 -8.38 -3.93 -24.09
N ILE A 761 -7.64 -4.66 -23.25
CA ILE A 761 -6.29 -5.06 -23.64
C ILE A 761 -6.36 -6.07 -24.76
N ARG A 762 -7.32 -6.99 -24.65
CA ARG A 762 -7.51 -8.00 -25.68
C ARG A 762 -8.22 -7.45 -26.93
N TYR A 763 -9.15 -6.52 -26.70
CA TYR A 763 -9.78 -5.77 -27.79
C TYR A 763 -8.74 -5.07 -28.67
N LEU A 764 -8.03 -4.10 -28.13
CA LEU A 764 -6.97 -3.41 -28.88
C LEU A 764 -6.01 -4.35 -29.59
N ILE A 765 -5.77 -5.52 -28.99
CA ILE A 765 -4.89 -6.51 -29.60
C ILE A 765 -5.62 -7.21 -30.72
N SER A 766 -6.88 -7.55 -30.47
CA SER A 766 -7.68 -8.24 -31.46
C SER A 766 -7.56 -7.58 -32.84
N SER A 767 -7.57 -6.25 -32.86
CA SER A 767 -7.42 -5.51 -34.12
C SER A 767 -6.08 -5.78 -34.76
N ASN A 768 -5.02 -5.68 -33.96
CA ASN A 768 -3.66 -5.81 -34.46
C ASN A 768 -3.37 -7.17 -35.12
N VAL A 769 -4.00 -8.22 -34.62
CA VAL A 769 -3.89 -9.52 -35.26
C VAL A 769 -4.60 -9.51 -36.61
N GLY A 770 -5.66 -8.72 -36.72
CA GLY A 770 -6.40 -8.57 -37.97
C GLY A 770 -5.66 -7.68 -38.97
N GLU A 771 -5.22 -6.53 -38.49
CA GLU A 771 -4.51 -5.55 -39.32
C GLU A 771 -3.27 -6.14 -39.98
N VAL A 772 -2.63 -7.09 -39.30
CA VAL A 772 -1.50 -7.79 -39.89
C VAL A 772 -1.96 -8.80 -40.92
N VAL A 773 -2.82 -9.73 -40.52
CA VAL A 773 -3.31 -10.78 -41.41
C VAL A 773 -3.88 -10.19 -42.71
N CYS A 774 -4.27 -8.91 -42.65
CA CYS A 774 -4.69 -8.18 -43.84
C CYS A 774 -3.49 -7.83 -44.72
N ILE A 775 -2.48 -7.22 -44.14
CA ILE A 775 -1.27 -6.84 -44.87
C ILE A 775 -0.41 -8.04 -45.22
N PHE A 776 -0.70 -9.18 -44.64
CA PHE A 776 -0.04 -10.41 -45.05
C PHE A 776 -0.69 -10.96 -46.31
N LEU A 777 -1.96 -10.66 -46.52
CA LEU A 777 -2.64 -11.08 -47.75
C LEU A 777 -2.27 -10.16 -48.91
N THR A 778 -2.34 -8.85 -48.65
CA THR A 778 -2.01 -7.82 -49.62
C THR A 778 -0.55 -7.90 -50.05
N ALA A 779 0.18 -8.84 -49.47
CA ALA A 779 1.58 -9.06 -49.83
C ALA A 779 1.77 -10.48 -50.35
N ALA A 780 1.10 -11.42 -49.69
CA ALA A 780 1.22 -12.83 -50.05
C ALA A 780 0.49 -13.13 -51.35
N LEU A 781 -0.54 -12.35 -51.63
CA LEU A 781 -1.27 -12.49 -52.89
C LEU A 781 -1.00 -11.30 -53.82
N GLY A 782 -0.16 -10.38 -53.35
CA GLY A 782 0.50 -9.43 -54.23
C GLY A 782 -0.35 -8.29 -54.76
N LEU A 783 -1.51 -8.07 -54.17
CA LEU A 783 -2.37 -6.96 -54.55
C LEU A 783 -1.75 -5.64 -54.05
N PRO A 784 -2.49 -4.52 -54.16
CA PRO A 784 -2.01 -3.26 -53.62
C PRO A 784 -2.43 -3.07 -52.16
N GLU A 785 -1.47 -2.73 -51.30
CA GLU A 785 -1.73 -2.68 -49.85
C GLU A 785 -3.05 -1.99 -49.55
N ALA A 786 -4.01 -2.76 -49.04
CA ALA A 786 -5.35 -2.25 -48.78
C ALA A 786 -5.36 -1.21 -47.65
N LEU A 787 -4.35 -1.26 -46.79
CA LEU A 787 -4.17 -0.28 -45.71
C LEU A 787 -2.71 0.16 -45.60
N ILE A 788 -2.50 1.47 -45.39
CA ILE A 788 -1.15 2.00 -45.17
C ILE A 788 -0.98 2.56 -43.76
N PRO A 789 0.27 2.83 -43.35
CA PRO A 789 0.64 3.47 -42.10
C PRO A 789 -0.40 4.49 -41.61
N VAL A 790 -0.39 5.67 -42.21
CA VAL A 790 -1.06 6.83 -41.62
C VAL A 790 -2.56 6.60 -41.39
N GLN A 791 -3.10 5.55 -41.99
CA GLN A 791 -4.48 5.15 -41.72
C GLN A 791 -4.54 4.37 -40.41
N LEU A 792 -3.70 3.35 -40.31
CA LEU A 792 -3.66 2.49 -39.14
C LEU A 792 -3.45 3.26 -37.85
N LEU A 793 -2.49 4.19 -37.87
CA LEU A 793 -2.21 5.00 -36.71
C LEU A 793 -3.47 5.67 -36.19
N TRP A 794 -4.26 6.23 -37.09
CA TRP A 794 -5.53 6.86 -36.72
C TRP A 794 -6.47 5.87 -36.05
N VAL A 795 -6.49 4.63 -36.54
CA VAL A 795 -7.38 3.61 -36.01
C VAL A 795 -6.98 3.16 -34.60
N ASN A 796 -5.69 2.94 -34.39
CA ASN A 796 -5.19 2.48 -33.12
C ASN A 796 -5.18 3.58 -32.08
N LEU A 797 -4.88 4.80 -32.51
CA LEU A 797 -4.84 5.93 -31.59
C LEU A 797 -6.23 6.47 -31.28
N VAL A 798 -7.05 6.62 -32.32
CA VAL A 798 -8.32 7.30 -32.16
C VAL A 798 -9.53 6.41 -32.38
N THR A 799 -9.54 5.68 -33.48
CA THR A 799 -10.70 4.87 -33.85
C THR A 799 -11.06 3.82 -32.80
N ASP A 800 -10.05 3.06 -32.36
CA ASP A 800 -10.24 2.06 -31.31
C ASP A 800 -9.96 2.67 -29.95
N GLY A 801 -9.31 3.83 -29.99
CA GLY A 801 -8.86 4.53 -28.78
C GLY A 801 -9.98 4.94 -27.84
N LEU A 802 -11.06 5.48 -28.38
CA LEU A 802 -12.17 5.90 -27.53
C LEU A 802 -13.00 4.73 -27.00
N PRO A 803 -13.26 3.72 -27.85
CA PRO A 803 -14.02 2.54 -27.40
C PRO A 803 -13.26 1.72 -26.35
N ALA A 804 -11.95 1.56 -26.52
CA ALA A 804 -11.15 0.81 -25.56
C ALA A 804 -11.24 1.45 -24.17
N THR A 805 -11.18 2.77 -24.13
CA THR A 805 -11.25 3.54 -22.89
C THR A 805 -12.63 3.42 -22.26
N ALA A 806 -13.65 3.49 -23.09
CA ALA A 806 -15.01 3.43 -22.60
C ALA A 806 -15.34 2.02 -22.10
N LEU A 807 -14.49 1.06 -22.45
CA LEU A 807 -14.66 -0.30 -21.96
C LEU A 807 -14.13 -0.41 -20.52
N GLY A 808 -13.66 0.71 -19.99
CA GLY A 808 -13.15 0.76 -18.62
C GLY A 808 -14.21 1.28 -17.67
N PHE A 809 -15.44 1.35 -18.16
CA PHE A 809 -16.57 1.77 -17.34
C PHE A 809 -17.61 0.66 -17.31
N ASN A 810 -17.19 -0.56 -17.62
CA ASN A 810 -18.10 -1.70 -17.67
C ASN A 810 -18.68 -2.00 -16.30
N PRO A 811 -19.95 -2.45 -16.27
CA PRO A 811 -20.56 -2.82 -15.00
C PRO A 811 -19.98 -4.12 -14.46
N PRO A 812 -19.43 -4.09 -13.24
CA PRO A 812 -18.67 -5.19 -12.68
C PRO A 812 -19.58 -6.34 -12.27
N ASP A 813 -19.05 -7.56 -12.32
CA ASP A 813 -19.84 -8.74 -11.96
C ASP A 813 -20.47 -8.60 -10.58
N LEU A 814 -21.58 -9.29 -10.38
CA LEU A 814 -22.25 -9.32 -9.09
C LEU A 814 -21.63 -10.41 -8.19
N ASP A 815 -20.64 -11.10 -8.75
CA ASP A 815 -19.87 -12.14 -8.05
C ASP A 815 -18.39 -11.83 -8.28
N ILE A 816 -18.11 -10.55 -8.51
CA ILE A 816 -16.75 -10.07 -8.63
C ILE A 816 -15.93 -10.43 -7.40
N MET A 817 -16.57 -10.40 -6.23
CA MET A 817 -15.91 -10.64 -4.95
C MET A 817 -16.18 -12.03 -4.43
N ASP A 818 -16.89 -12.84 -5.21
CA ASP A 818 -17.23 -14.18 -4.76
C ASP A 818 -16.36 -15.23 -5.43
N ARG A 819 -15.21 -14.80 -5.93
CA ARG A 819 -14.25 -15.72 -6.51
C ARG A 819 -12.84 -15.44 -6.00
N PRO A 820 -12.04 -16.52 -5.81
CA PRO A 820 -10.66 -16.48 -5.36
C PRO A 820 -9.81 -15.45 -6.07
N PRO A 821 -8.71 -15.02 -5.43
CA PRO A 821 -7.82 -14.01 -6.01
C PRO A 821 -7.19 -14.52 -7.28
N ARG A 822 -7.05 -13.67 -8.28
CA ARG A 822 -6.47 -14.08 -9.55
C ARG A 822 -4.95 -14.23 -9.44
N SER A 823 -4.42 -15.35 -9.92
CA SER A 823 -2.98 -15.64 -9.79
C SER A 823 -2.11 -14.60 -10.51
N PRO A 824 -0.82 -14.51 -10.15
CA PRO A 824 0.09 -13.70 -10.94
C PRO A 824 0.80 -14.52 -12.02
N LYS A 825 0.37 -15.77 -12.18
CA LYS A 825 0.84 -16.60 -13.29
C LYS A 825 -0.21 -16.80 -14.41
N GLU A 826 -1.37 -16.17 -14.27
CA GLU A 826 -2.39 -16.15 -15.32
C GLU A 826 -1.90 -15.36 -16.52
N PRO A 827 -1.92 -15.99 -17.71
CA PRO A 827 -1.67 -15.30 -18.99
C PRO A 827 -2.97 -14.67 -19.51
N LEU A 828 -2.87 -13.49 -20.11
CA LEU A 828 -4.06 -12.71 -20.48
C LEU A 828 -4.79 -13.32 -21.68
N ILE A 829 -4.07 -14.13 -22.45
CA ILE A 829 -4.61 -14.80 -23.62
C ILE A 829 -4.14 -16.25 -23.60
N SER A 830 -5.07 -17.18 -23.43
CA SER A 830 -4.73 -18.60 -23.35
C SER A 830 -5.94 -19.51 -23.42
N GLY A 831 -5.73 -20.73 -23.91
CA GLY A 831 -6.79 -21.71 -24.07
C GLY A 831 -7.71 -21.39 -25.23
N TRP A 832 -9.02 -21.51 -25.00
CA TRP A 832 -10.02 -21.17 -26.00
C TRP A 832 -9.96 -19.68 -26.37
N LEU A 833 -9.32 -18.89 -25.52
CA LEU A 833 -9.25 -17.46 -25.76
C LEU A 833 -8.22 -17.11 -26.81
N PHE A 834 -7.32 -18.04 -27.12
CA PHE A 834 -6.34 -17.80 -28.16
C PHE A 834 -6.97 -18.02 -29.54
N PHE A 835 -7.73 -19.10 -29.65
CA PHE A 835 -8.37 -19.50 -30.90
C PHE A 835 -9.59 -18.62 -31.20
N ARG A 836 -10.06 -17.89 -30.19
CA ARG A 836 -11.14 -16.93 -30.42
C ARG A 836 -10.60 -15.63 -30.98
N TYR A 837 -9.34 -15.33 -30.68
CA TYR A 837 -8.72 -14.12 -31.19
C TYR A 837 -7.72 -14.37 -32.31
N MET A 838 -7.62 -15.63 -32.73
CA MET A 838 -6.97 -15.96 -33.99
C MET A 838 -8.03 -16.15 -35.08
N ALA A 839 -9.28 -16.27 -34.66
CA ALA A 839 -10.40 -16.32 -35.59
C ALA A 839 -10.82 -14.91 -35.94
N ILE A 840 -11.09 -14.12 -34.92
CA ILE A 840 -11.53 -12.75 -35.14
C ILE A 840 -10.45 -11.98 -35.87
N GLY A 841 -9.20 -12.33 -35.59
CA GLY A 841 -8.07 -11.72 -36.29
C GLY A 841 -7.93 -12.25 -37.70
N GLY A 842 -8.31 -13.51 -37.90
CA GLY A 842 -8.29 -14.12 -39.22
C GLY A 842 -9.51 -13.78 -40.05
N TYR A 843 -10.46 -13.07 -39.43
CA TYR A 843 -11.67 -12.65 -40.12
C TYR A 843 -11.55 -11.21 -40.58
N VAL A 844 -10.93 -10.38 -39.76
CA VAL A 844 -10.65 -9.00 -40.15
C VAL A 844 -9.56 -8.97 -41.22
N GLY A 845 -8.60 -9.88 -41.12
CA GLY A 845 -7.53 -9.98 -42.11
C GLY A 845 -8.04 -10.52 -43.43
N ALA A 846 -9.36 -10.67 -43.54
CA ALA A 846 -9.99 -11.13 -44.77
C ALA A 846 -11.02 -10.11 -45.26
N ALA A 847 -11.82 -9.58 -44.35
CA ALA A 847 -12.88 -8.63 -44.68
C ALA A 847 -12.35 -7.27 -45.13
N THR A 848 -11.18 -6.88 -44.63
CA THR A 848 -10.56 -5.65 -45.09
C THR A 848 -9.85 -5.84 -46.43
N VAL A 849 -9.50 -7.08 -46.73
CA VAL A 849 -8.88 -7.41 -48.01
C VAL A 849 -9.95 -7.75 -49.06
N GLY A 850 -11.07 -8.28 -48.59
CA GLY A 850 -12.20 -8.61 -49.47
C GLY A 850 -12.81 -7.37 -50.08
N ALA A 851 -13.45 -6.55 -49.24
CA ALA A 851 -14.24 -5.43 -49.70
C ALA A 851 -13.43 -4.33 -50.41
N ALA A 852 -12.12 -4.30 -50.18
CA ALA A 852 -11.27 -3.27 -50.77
C ALA A 852 -10.92 -3.61 -52.21
N ALA A 853 -10.27 -4.76 -52.37
CA ALA A 853 -9.97 -5.31 -53.69
C ALA A 853 -11.26 -5.55 -54.44
N TRP A 854 -12.36 -5.63 -53.70
CA TRP A 854 -13.69 -5.77 -54.28
C TRP A 854 -14.03 -4.51 -55.07
N TRP A 855 -13.35 -3.41 -54.75
CA TRP A 855 -13.45 -2.19 -55.56
C TRP A 855 -12.61 -2.34 -56.82
N PHE A 856 -11.60 -3.21 -56.75
CA PHE A 856 -10.79 -3.55 -57.91
C PHE A 856 -11.38 -4.74 -58.66
N MET A 857 -12.46 -5.31 -58.14
CA MET A 857 -13.06 -6.50 -58.76
C MET A 857 -14.53 -6.41 -59.18
N TYR A 858 -15.43 -6.26 -58.21
CA TYR A 858 -16.88 -6.33 -58.48
C TYR A 858 -17.56 -4.97 -58.47
N ALA A 859 -16.78 -3.90 -58.61
CA ALA A 859 -17.30 -2.56 -58.41
C ALA A 859 -17.97 -1.98 -59.66
N GLU A 860 -18.74 -0.93 -59.45
CA GLU A 860 -19.48 -0.28 -60.52
C GLU A 860 -18.68 0.90 -61.05
N ASP A 861 -18.47 1.90 -60.21
CA ASP A 861 -17.78 3.12 -60.62
C ASP A 861 -16.26 2.95 -60.62
N GLY A 862 -15.79 1.84 -60.07
CA GLY A 862 -14.37 1.53 -60.06
C GLY A 862 -14.02 0.49 -61.10
N PRO A 863 -12.77 0.51 -61.58
CA PRO A 863 -12.28 -0.42 -62.59
C PRO A 863 -12.49 -1.89 -62.20
N GLY A 864 -13.66 -2.43 -62.55
CA GLY A 864 -14.04 -3.77 -62.07
C GLY A 864 -13.56 -4.94 -62.93
N VAL A 865 -12.25 -5.15 -62.99
CA VAL A 865 -11.66 -6.22 -63.77
C VAL A 865 -11.49 -7.52 -62.99
N THR A 866 -12.51 -8.39 -63.03
CA THR A 866 -12.51 -9.62 -62.24
C THR A 866 -11.38 -10.58 -62.65
N TYR A 867 -10.62 -11.04 -61.65
CA TYR A 867 -9.47 -11.92 -61.86
C TYR A 867 -8.40 -11.34 -62.77
N HIS A 868 -8.19 -10.04 -62.70
CA HIS A 868 -7.17 -9.40 -63.53
C HIS A 868 -5.79 -9.51 -62.90
N GLN A 869 -5.46 -10.71 -62.44
CA GLN A 869 -4.12 -11.03 -61.98
C GLN A 869 -3.42 -9.82 -61.38
N LEU A 870 -4.03 -9.22 -60.36
CA LEU A 870 -3.41 -8.14 -59.63
C LEU A 870 -2.14 -8.71 -59.00
N THR A 871 -2.08 -10.03 -58.94
CA THR A 871 -0.93 -10.77 -58.42
C THR A 871 0.23 -10.75 -59.41
N HIS A 872 -0.11 -10.82 -60.70
CA HIS A 872 0.90 -10.93 -61.74
C HIS A 872 1.73 -9.66 -61.86
N PHE A 873 1.08 -8.50 -61.98
CA PHE A 873 1.81 -7.26 -62.23
C PHE A 873 1.28 -5.99 -61.56
N MET A 874 2.15 -5.38 -60.75
CA MET A 874 1.98 -4.01 -60.27
C MET A 874 3.18 -3.20 -60.73
N GLN A 875 3.74 -3.60 -61.87
CA GLN A 875 4.93 -2.96 -62.43
C GLN A 875 4.57 -2.14 -63.66
N CYS A 876 3.68 -2.69 -64.47
CA CYS A 876 3.22 -2.06 -65.69
C CYS A 876 4.37 -1.68 -66.62
N THR A 877 5.46 -2.42 -66.52
CA THR A 877 6.58 -2.30 -67.45
C THR A 877 6.21 -2.92 -68.78
N GLU A 878 5.26 -3.85 -68.75
CA GLU A 878 4.78 -4.52 -69.95
C GLU A 878 3.55 -3.84 -70.52
N ASP A 879 2.50 -3.72 -69.70
CA ASP A 879 1.21 -3.19 -70.14
C ASP A 879 0.69 -3.98 -71.34
N HIS A 880 0.82 -5.30 -71.27
CA HIS A 880 0.39 -6.15 -72.39
C HIS A 880 -0.99 -6.77 -72.18
N PRO A 881 -1.34 -7.12 -70.93
CA PRO A 881 -2.64 -7.73 -70.71
C PRO A 881 -3.72 -6.67 -70.79
N HIS A 882 -3.32 -5.43 -70.60
CA HIS A 882 -4.20 -4.29 -70.89
C HIS A 882 -3.80 -3.58 -72.16
N PHE A 883 -4.27 -4.10 -73.29
CA PHE A 883 -4.01 -3.51 -74.60
C PHE A 883 -4.38 -2.03 -74.68
N GLU A 884 -5.57 -1.74 -75.20
CA GLU A 884 -6.04 -0.38 -75.36
C GLU A 884 -6.29 0.32 -74.02
N GLY A 885 -5.87 1.57 -73.90
CA GLY A 885 -6.02 2.31 -72.66
C GLY A 885 -4.70 2.89 -72.18
N LEU A 886 -4.77 3.93 -71.36
CA LEU A 886 -3.57 4.62 -70.86
C LEU A 886 -3.75 5.05 -69.41
N ASP A 887 -3.78 4.07 -68.50
CA ASP A 887 -3.98 4.37 -67.08
C ASP A 887 -3.66 3.18 -66.19
N CYS A 888 -2.58 3.30 -65.41
CA CYS A 888 -2.13 2.18 -64.62
C CYS A 888 -2.29 2.71 -63.25
N GLU A 889 -2.13 4.02 -63.18
CA GLU A 889 -1.80 4.52 -61.90
C GLU A 889 -3.00 4.50 -60.97
N ILE A 890 -4.07 3.80 -61.37
CA ILE A 890 -5.29 3.72 -60.56
C ILE A 890 -5.14 2.75 -59.39
N PHE A 891 -4.01 2.06 -59.34
CA PHE A 891 -3.71 1.15 -58.25
C PHE A 891 -3.40 1.95 -56.98
N GLU A 892 -3.03 3.21 -57.15
CA GLU A 892 -2.81 4.11 -56.03
C GLU A 892 -4.03 4.98 -55.78
N ALA A 893 -5.20 4.45 -56.15
CA ALA A 893 -6.47 5.16 -55.99
C ALA A 893 -6.93 5.24 -54.54
N PRO A 894 -7.66 6.32 -54.19
CA PRO A 894 -8.12 6.55 -52.82
C PRO A 894 -9.30 5.66 -52.43
N GLU A 895 -10.13 5.28 -53.40
CA GLU A 895 -11.40 4.61 -53.12
C GLU A 895 -11.26 3.19 -52.55
N PRO A 896 -10.38 2.37 -53.13
CA PRO A 896 -10.19 1.02 -52.62
C PRO A 896 -9.65 1.01 -51.18
N MET A 897 -8.69 1.89 -50.91
CA MET A 897 -8.16 2.05 -49.56
C MET A 897 -9.29 2.42 -48.62
N THR A 898 -10.24 3.19 -49.13
CA THR A 898 -11.36 3.66 -48.33
C THR A 898 -12.37 2.54 -48.06
N MET A 899 -12.27 1.46 -48.81
CA MET A 899 -13.14 0.31 -48.60
C MET A 899 -12.65 -0.56 -47.46
N ALA A 900 -11.33 -0.75 -47.38
CA ALA A 900 -10.74 -1.51 -46.29
C ALA A 900 -10.89 -0.76 -44.97
N LEU A 901 -10.54 0.52 -44.99
CA LEU A 901 -10.59 1.37 -43.81
C LEU A 901 -12.00 1.44 -43.20
N SER A 902 -13.01 1.55 -44.04
CA SER A 902 -14.39 1.59 -43.57
C SER A 902 -14.83 0.22 -43.04
N VAL A 903 -14.20 -0.85 -43.52
CA VAL A 903 -14.52 -2.19 -43.04
C VAL A 903 -13.95 -2.38 -41.62
N LEU A 904 -12.68 -2.04 -41.46
CA LEU A 904 -12.00 -2.08 -40.17
C LEU A 904 -12.79 -1.30 -39.14
N VAL A 905 -12.78 0.02 -39.27
CA VAL A 905 -13.44 0.90 -38.34
C VAL A 905 -14.80 0.35 -37.90
N THR A 906 -15.59 -0.12 -38.83
CA THR A 906 -16.92 -0.63 -38.49
C THR A 906 -16.88 -1.95 -37.73
N ILE A 907 -16.02 -2.88 -38.16
CA ILE A 907 -15.85 -4.11 -37.40
C ILE A 907 -15.35 -3.83 -35.98
N GLU A 908 -14.45 -2.87 -35.85
CA GLU A 908 -13.96 -2.48 -34.53
C GLU A 908 -15.10 -2.05 -33.64
N MET A 909 -16.01 -1.23 -34.17
CA MET A 909 -17.16 -0.77 -33.41
C MET A 909 -18.11 -1.91 -33.07
N CYS A 910 -18.10 -2.94 -33.91
CA CYS A 910 -18.82 -4.17 -33.56
C CYS A 910 -18.08 -4.92 -32.47
N ASN A 911 -16.78 -5.11 -32.67
CA ASN A 911 -16.00 -5.92 -31.75
C ASN A 911 -15.90 -5.27 -30.39
N ALA A 912 -16.05 -3.95 -30.35
CA ALA A 912 -16.12 -3.22 -29.09
C ALA A 912 -17.28 -3.72 -28.25
N LEU A 913 -18.42 -3.94 -28.90
CA LEU A 913 -19.60 -4.46 -28.23
C LEU A 913 -19.38 -5.89 -27.76
N ASN A 914 -18.62 -6.65 -28.56
CA ASN A 914 -18.33 -8.05 -28.27
C ASN A 914 -17.43 -8.22 -27.05
N SER A 915 -16.94 -7.10 -26.53
CA SER A 915 -16.00 -7.11 -25.43
C SER A 915 -16.70 -6.87 -24.09
N LEU A 916 -17.83 -6.17 -24.12
CA LEU A 916 -18.54 -5.77 -22.91
C LEU A 916 -18.65 -6.85 -21.84
N SER A 917 -18.62 -8.11 -22.25
CA SER A 917 -18.45 -9.22 -21.32
C SER A 917 -17.75 -10.36 -22.05
N GLU A 918 -17.14 -11.26 -21.28
CA GLU A 918 -16.30 -12.28 -21.89
C GLU A 918 -17.10 -13.44 -22.46
N ASN A 919 -18.11 -13.89 -21.71
CA ASN A 919 -18.87 -15.06 -22.14
C ASN A 919 -20.39 -14.91 -22.08
N GLN A 920 -20.87 -13.70 -21.81
CA GLN A 920 -22.31 -13.42 -21.94
C GLN A 920 -22.65 -12.95 -23.35
N SER A 921 -23.63 -13.61 -23.96
CA SER A 921 -24.14 -13.20 -25.27
C SER A 921 -24.54 -11.73 -25.24
N LEU A 922 -24.46 -11.07 -26.39
CA LEU A 922 -24.96 -9.70 -26.50
C LEU A 922 -26.46 -9.76 -26.33
N MET A 923 -27.00 -10.96 -26.51
CA MET A 923 -28.38 -11.25 -26.16
C MET A 923 -28.64 -11.15 -24.66
N ARG A 924 -27.73 -11.74 -23.88
CA ARG A 924 -27.83 -11.77 -22.43
C ARG A 924 -27.21 -10.50 -21.83
N MET A 925 -26.13 -10.04 -22.46
CA MET A 925 -25.44 -8.83 -22.05
C MET A 925 -25.65 -7.72 -23.08
N PRO A 926 -26.71 -6.93 -22.90
CA PRO A 926 -27.18 -5.94 -23.89
C PRO A 926 -26.12 -4.89 -24.17
N PRO A 927 -26.00 -4.48 -25.44
CA PRO A 927 -24.99 -3.51 -25.88
C PRO A 927 -25.22 -2.13 -25.28
N TRP A 928 -26.41 -1.90 -24.73
CA TRP A 928 -26.74 -0.59 -24.19
C TRP A 928 -26.58 -0.51 -22.69
N VAL A 929 -25.86 -1.45 -22.09
CA VAL A 929 -25.57 -1.39 -20.65
C VAL A 929 -24.45 -0.40 -20.36
N ASN A 930 -23.39 -0.48 -21.14
CA ASN A 930 -22.31 0.50 -21.12
C ASN A 930 -22.64 1.73 -21.95
N ILE A 931 -23.39 2.66 -21.36
CA ILE A 931 -23.79 3.88 -22.05
C ILE A 931 -22.60 4.69 -22.58
N TRP A 932 -21.40 4.38 -22.10
CA TRP A 932 -20.24 5.13 -22.53
C TRP A 932 -19.50 4.45 -23.68
N LEU A 933 -19.85 3.20 -23.95
CA LEU A 933 -19.31 2.49 -25.10
C LEU A 933 -20.09 2.88 -26.34
N LEU A 934 -21.40 3.03 -26.17
CA LEU A 934 -22.25 3.52 -27.26
C LEU A 934 -21.86 4.95 -27.59
N GLY A 935 -21.71 5.77 -26.56
CA GLY A 935 -21.27 7.16 -26.72
C GLY A 935 -19.93 7.28 -27.42
N SER A 936 -19.06 6.30 -27.23
CA SER A 936 -17.73 6.36 -27.85
C SER A 936 -17.79 5.98 -29.33
N ILE A 937 -18.45 4.87 -29.63
CA ILE A 937 -18.66 4.46 -31.02
C ILE A 937 -19.22 5.64 -31.81
N CYS A 938 -20.26 6.26 -31.25
CA CYS A 938 -20.83 7.48 -31.81
C CYS A 938 -19.76 8.48 -32.20
N LEU A 939 -18.83 8.74 -31.29
CA LEU A 939 -17.80 9.76 -31.53
C LEU A 939 -16.70 9.19 -32.43
N SER A 940 -16.64 7.87 -32.51
CA SER A 940 -15.64 7.20 -33.33
C SER A 940 -15.99 7.29 -34.81
N MET A 941 -17.27 7.12 -35.12
CA MET A 941 -17.72 7.18 -36.50
C MET A 941 -17.73 8.61 -37.01
N SER A 942 -18.18 9.54 -36.16
CA SER A 942 -18.20 10.94 -36.52
C SER A 942 -16.80 11.53 -36.64
N LEU A 943 -15.79 10.65 -36.56
CA LEU A 943 -14.42 11.03 -36.88
C LEU A 943 -13.99 10.40 -38.20
N HIS A 944 -14.46 9.17 -38.44
CA HIS A 944 -14.28 8.50 -39.73
C HIS A 944 -14.93 9.31 -40.85
N PHE A 945 -16.01 9.99 -40.50
CA PHE A 945 -16.72 10.86 -41.43
C PHE A 945 -15.99 12.20 -41.56
N LEU A 946 -15.50 12.73 -40.44
CA LEU A 946 -14.80 14.00 -40.47
C LEU A 946 -13.55 13.97 -41.33
N ILE A 947 -12.82 12.86 -41.29
CA ILE A 947 -11.58 12.73 -42.07
C ILE A 947 -11.83 12.36 -43.54
N LEU A 948 -13.07 12.54 -43.98
CA LEU A 948 -13.47 12.19 -45.34
C LEU A 948 -14.06 13.36 -46.10
N TYR A 949 -14.63 14.32 -45.40
CA TYR A 949 -15.25 15.44 -46.09
C TYR A 949 -14.69 16.81 -45.71
N VAL A 950 -13.91 16.87 -44.65
CA VAL A 950 -13.09 18.06 -44.44
C VAL A 950 -11.82 17.91 -45.27
N ASP A 951 -11.78 18.57 -46.41
CA ASP A 951 -10.87 18.19 -47.50
C ASP A 951 -9.38 18.01 -47.16
N PRO A 952 -8.81 18.86 -46.30
CA PRO A 952 -7.40 18.64 -46.00
C PRO A 952 -7.12 17.21 -45.55
N LEU A 953 -8.04 16.64 -44.77
CA LEU A 953 -7.83 15.34 -44.12
C LEU A 953 -7.83 14.14 -45.09
N PRO A 954 -8.93 13.96 -45.85
CA PRO A 954 -9.01 12.85 -46.79
C PRO A 954 -7.92 12.88 -47.85
N MET A 955 -7.35 14.06 -48.10
CA MET A 955 -6.22 14.21 -49.00
C MET A 955 -4.93 13.71 -48.35
N ILE A 956 -4.86 13.83 -47.03
CA ILE A 956 -3.67 13.44 -46.28
C ILE A 956 -3.70 11.96 -45.91
N PHE A 957 -4.88 11.46 -45.58
CA PHE A 957 -5.07 10.04 -45.32
C PHE A 957 -5.01 9.23 -46.60
N LYS A 958 -5.01 9.92 -47.74
CA LYS A 958 -5.17 9.29 -49.05
C LYS A 958 -6.51 8.55 -49.15
N LEU A 959 -7.60 9.28 -48.98
CA LEU A 959 -8.93 8.68 -49.00
C LEU A 959 -9.94 9.55 -49.73
N LYS A 960 -11.12 9.00 -49.98
CA LYS A 960 -12.25 9.82 -50.40
C LYS A 960 -13.60 9.16 -50.10
N ALA A 961 -14.53 9.96 -49.57
CA ALA A 961 -15.78 9.45 -49.01
C ALA A 961 -16.47 8.47 -49.95
N LEU A 962 -16.95 7.36 -49.38
CA LEU A 962 -17.58 6.30 -50.16
C LEU A 962 -19.03 6.64 -50.47
N ASP A 963 -19.53 6.07 -51.57
CA ASP A 963 -20.92 6.25 -51.96
C ASP A 963 -21.84 5.44 -51.06
N LEU A 964 -23.13 5.72 -51.14
CA LEU A 964 -24.13 5.03 -50.32
C LEU A 964 -24.28 3.56 -50.71
N THR A 965 -23.68 3.18 -51.84
CA THR A 965 -23.63 1.79 -52.27
C THR A 965 -22.32 1.18 -51.80
N GLN A 966 -21.36 2.05 -51.50
CA GLN A 966 -20.08 1.64 -50.94
C GLN A 966 -20.12 1.69 -49.40
N TRP A 967 -21.29 1.98 -48.86
CA TRP A 967 -21.51 1.98 -47.41
C TRP A 967 -22.28 0.76 -46.92
N LEU A 968 -23.04 0.14 -47.81
CA LEU A 968 -23.82 -1.04 -47.48
C LEU A 968 -22.99 -2.32 -47.63
N MET A 969 -22.05 -2.31 -48.56
CA MET A 969 -21.18 -3.46 -48.74
C MET A 969 -20.33 -3.65 -47.49
N VAL A 970 -19.90 -2.54 -46.92
CA VAL A 970 -19.21 -2.55 -45.62
C VAL A 970 -20.05 -3.30 -44.59
N LEU A 971 -21.28 -2.85 -44.39
CA LEU A 971 -22.14 -3.44 -43.37
C LEU A 971 -22.58 -4.85 -43.73
N LYS A 972 -22.36 -5.25 -44.98
CA LYS A 972 -22.63 -6.63 -45.40
C LYS A 972 -21.47 -7.53 -45.02
N ILE A 973 -20.25 -6.98 -45.12
CA ILE A 973 -19.02 -7.74 -44.88
C ILE A 973 -18.44 -7.51 -43.47
N SER A 974 -18.95 -6.49 -42.79
CA SER A 974 -18.51 -6.16 -41.42
C SER A 974 -19.37 -6.83 -40.34
N LEU A 975 -20.64 -6.48 -40.27
CA LEU A 975 -21.54 -6.98 -39.21
C LEU A 975 -21.44 -8.47 -38.88
N PRO A 976 -21.29 -9.33 -39.89
CA PRO A 976 -21.21 -10.78 -39.67
C PRO A 976 -20.22 -11.25 -38.59
N VAL A 977 -19.39 -10.34 -38.07
CA VAL A 977 -18.40 -10.70 -37.04
C VAL A 977 -19.03 -10.89 -35.67
N ILE A 978 -20.01 -10.04 -35.35
CA ILE A 978 -20.82 -10.19 -34.16
C ILE A 978 -21.51 -11.54 -34.13
N GLY A 979 -21.59 -12.17 -35.30
CA GLY A 979 -22.19 -13.50 -35.42
C GLY A 979 -21.17 -14.61 -35.23
N LEU A 980 -19.97 -14.42 -35.76
CA LEU A 980 -18.88 -15.36 -35.53
C LEU A 980 -18.57 -15.39 -34.04
N ASP A 981 -18.67 -14.21 -33.41
CA ASP A 981 -18.36 -14.05 -32.00
C ASP A 981 -19.31 -14.86 -31.12
N GLU A 982 -20.61 -14.61 -31.28
CA GLU A 982 -21.62 -15.22 -30.42
C GLU A 982 -21.56 -16.73 -30.43
N ILE A 983 -21.22 -17.30 -31.57
CA ILE A 983 -21.08 -18.75 -31.68
C ILE A 983 -19.99 -19.23 -30.72
N LEU A 984 -18.89 -18.48 -30.67
CA LEU A 984 -17.78 -18.84 -29.80
C LEU A 984 -18.14 -18.67 -28.33
N LYS A 985 -18.98 -17.68 -28.04
CA LYS A 985 -19.39 -17.40 -26.66
C LYS A 985 -20.25 -18.51 -26.07
N PHE A 986 -21.25 -18.96 -26.82
CA PHE A 986 -22.15 -20.00 -26.34
C PHE A 986 -21.54 -21.41 -26.42
N ILE A 987 -20.34 -21.52 -27.02
CA ILE A 987 -19.59 -22.78 -26.99
C ILE A 987 -18.71 -22.92 -25.74
N ALA A 988 -17.86 -21.92 -25.52
CA ALA A 988 -17.03 -21.87 -24.32
C ALA A 988 -17.96 -21.82 -23.10
N ARG A 989 -19.24 -21.56 -23.39
CA ARG A 989 -20.25 -21.47 -22.34
C ARG A 989 -20.85 -22.85 -22.06
N ASN A 990 -20.81 -23.75 -23.05
CA ASN A 990 -21.62 -24.96 -22.99
C ASN A 990 -20.98 -26.29 -23.43
N TYR A 991 -19.74 -26.25 -23.92
CA TYR A 991 -18.99 -27.50 -24.07
C TYR A 991 -17.55 -27.38 -23.57
N LEU A 992 -17.18 -26.19 -23.12
CA LEU A 992 -15.91 -25.97 -22.43
C LEU A 992 -16.17 -25.53 -21.01
N GLU A 993 -17.08 -26.22 -20.33
CA GLU A 993 -17.41 -25.93 -18.94
C GLU A 993 -17.56 -27.19 -18.09
N GLY A 994 -16.86 -27.22 -16.96
CA GLY A 994 -16.81 -28.41 -16.10
C GLY A 994 -15.51 -28.49 -15.32
MG MG B . -0.48 0.48 16.04
MG MG C . 7.27 2.77 -22.46
O2 CZA D . 6.57 1.97 -23.72
C6 CZA D . 6.24 2.33 -24.86
C3 CZA D . 6.44 3.62 -25.51
C2 CZA D . 7.53 4.56 -25.12
O1 CZA D . 8.03 4.61 -24.00
C1 CZA D . 8.10 5.46 -26.21
C5 CZA D . 5.26 1.57 -25.74
C7 CZA D . 5.68 0.31 -26.51
C15 CZA D . 5.69 -0.99 -25.77
C16 CZA D . 6.59 -1.64 -25.00
N2 CZA D . 6.01 -2.83 -24.54
C17 CZA D . 4.69 -2.95 -24.95
C14 CZA D . 4.50 -1.78 -25.74
C18 CZA D . 3.66 -3.90 -24.83
C19 CZA D . 2.42 -3.63 -25.47
C20 CZA D . 2.24 -2.44 -26.21
C13 CZA D . 3.31 -1.52 -26.38
C12 CZA D . 3.20 -0.27 -27.24
C8 CZA D . 4.60 0.34 -27.65
C9 CZA D . 4.61 1.84 -28.09
C10 CZA D . 5.53 2.04 -29.30
C11 CZA D . 3.23 2.43 -28.36
N1 CZA D . 5.11 2.47 -26.86
C4 CZA D . 5.67 3.68 -26.62
O3 CZA D . 5.52 4.75 -27.45
PB ADP E . -0.15 -0.77 18.14
O1B ADP E . 1.03 -1.56 17.47
O2B ADP E . -1.49 -1.30 17.52
O3B ADP E . -0.03 0.75 18.13
PA ADP E . -1.43 -2.02 20.17
O1A ADP E . -1.73 -3.20 19.21
O2A ADP E . -2.45 -0.98 20.53
O3A ADP E . -0.19 -1.44 19.51
O5' ADP E . -0.56 -2.59 21.41
C5' ADP E . -1.18 -2.63 22.67
C4' ADP E . -0.13 -2.64 23.76
O4' ADP E . 0.65 -3.81 23.67
C3' ADP E . 0.89 -1.51 23.58
O3' ADP E . 0.35 -0.42 24.23
C2' ADP E . 2.08 -2.02 24.41
O2' ADP E . 1.82 -1.54 25.70
C1' ADP E . 1.88 -3.57 24.34
N9 ADP E . 2.93 -4.26 23.59
C8 ADP E . 3.22 -3.98 22.23
N7 ADP E . 4.12 -4.84 21.75
C5 ADP E . 4.61 -5.54 22.87
C6 ADP E . 5.63 -6.49 22.99
N6 ADP E . 6.34 -6.84 21.89
N1 ADP E . 5.93 -7.04 24.22
C2 ADP E . 5.10 -6.67 25.24
N3 ADP E . 4.00 -5.85 25.23
C4 ADP E . 3.87 -5.21 24.02
#